data_8GUE
#
_entry.id   8GUE
#
_cell.length_a   59.465
_cell.length_b   97.818
_cell.length_c   141.075
_cell.angle_alpha   90.000
_cell.angle_beta   90.000
_cell.angle_gamma   90.000
#
_symmetry.space_group_name_H-M   'P 21 21 21'
#
loop_
_entity.id
_entity.type
_entity.pdbx_description
1 polymer 'Cytochrome P450 monooxygenase PikC'
2 non-polymer 'PROTOPORPHYRIN IX CONTAINING FE'
3 non-polymer NARBOMYCIN
4 non-polymer 'SULFATE ION'
5 non-polymer 2-AMINO-2-HYDROXYMETHYL-PROPANE-1,3-DIOL
6 non-polymer DI(HYDROXYETHYL)ETHER
7 non-polymer 1,2-ETHANEDIOL
8 water water
#
_entity_poly.entity_id   1
_entity_poly.type   'polypeptide(L)'
_entity_poly.pdbx_seq_one_letter_code
;MRRTQQGTTASPPVLDLGALGQDFAADPYPTYARLRAEGPAHRVRTPEGDEVWLVVGYDRARAVLADPRFSKDWRNSTTP
LTEAEAALNHNMLESDPPRHTRLRKLVAREFTMRRVELLRPRVQEIVDGLVDAMLAAPDGRADLMESLAWPLPITVISEL
LGVPEPDRAAFRVWTDAFVFPDDPAQAQTAMAEMSGYLSRLIDSKRGQDGEDLLSALVRTSDEDGSRLTSEELLGMA
(4AF)ILLVAGHETTVNLIANGMYALLSHPDQLAALRADMTLLDGAVEEMLRYEGPVESATYRFPVEPVDLDGTVIPAGD
TVLVVLADAHRTPERFPDPHRFDIRRDTAGHLAFGHGIHFCIGAPLARLEARIAVRALLERCPDLALDVSPGELVWYPNP
MIRGLKALPIRWRRGREAGRRTGLEHHHHHH
;
_entity_poly.pdbx_strand_id   A,B
#
loop_
_chem_comp.id
_chem_comp.type
_chem_comp.name
_chem_comp.formula
EDO non-polymer 1,2-ETHANEDIOL 'C2 H6 O2'
HEM non-polymer 'PROTOPORPHYRIN IX CONTAINING FE' 'C34 H32 Fe N4 O4'
NRB non-polymer NARBOMYCIN 'C28 H47 N O7'
PEG non-polymer DI(HYDROXYETHYL)ETHER 'C4 H10 O3'
SO4 non-polymer 'SULFATE ION' 'O4 S -2'
TRS non-polymer 2-AMINO-2-HYDROXYMETHYL-PROPANE-1,3-DIOL 'C4 H12 N O3 1'
#
# COMPACT_ATOMS: atom_id res chain seq x y z
N PRO A 12 -27.65 -31.70 12.90
CA PRO A 12 -28.25 -31.11 11.70
C PRO A 12 -27.46 -30.03 10.91
N PRO A 13 -26.24 -29.59 11.34
CA PRO A 13 -25.45 -28.76 10.43
C PRO A 13 -25.14 -29.48 9.13
N VAL A 14 -25.92 -29.15 8.10
CA VAL A 14 -25.82 -29.83 6.81
C VAL A 14 -24.70 -29.28 5.94
N LEU A 15 -23.92 -28.33 6.43
CA LEU A 15 -22.95 -27.67 5.56
C LEU A 15 -21.92 -26.95 6.41
N ASP A 16 -20.65 -27.24 6.16
CA ASP A 16 -19.55 -26.53 6.80
C ASP A 16 -19.09 -25.46 5.82
N LEU A 17 -19.29 -24.19 6.18
CA LEU A 17 -18.88 -23.12 5.29
C LEU A 17 -17.37 -22.98 5.22
N GLY A 18 -16.66 -23.32 6.30
CA GLY A 18 -15.22 -23.25 6.29
C GLY A 18 -14.55 -24.24 5.36
N ALA A 19 -15.22 -25.34 5.05
CA ALA A 19 -14.67 -26.40 4.20
C ALA A 19 -15.12 -26.26 2.76
N LEU A 20 -15.16 -25.04 2.21
CA LEU A 20 -15.75 -24.82 0.91
C LEU A 20 -14.82 -24.15 -0.09
N GLY A 21 -13.75 -23.49 0.35
CA GLY A 21 -12.69 -23.05 -0.55
C GLY A 21 -13.07 -21.84 -1.40
N GLN A 22 -12.08 -21.35 -2.14
CA GLN A 22 -12.25 -20.15 -2.97
C GLN A 22 -13.36 -20.33 -3.99
N ASP A 23 -13.65 -21.58 -4.39
CA ASP A 23 -14.77 -21.83 -5.29
C ASP A 23 -16.07 -21.29 -4.72
N PHE A 24 -16.31 -21.51 -3.41
CA PHE A 24 -17.50 -20.97 -2.77
C PHE A 24 -17.38 -19.46 -2.56
N ALA A 25 -16.18 -18.97 -2.27
CA ALA A 25 -15.98 -17.54 -2.12
C ALA A 25 -16.33 -16.81 -3.41
N ALA A 26 -15.88 -17.33 -4.55
CA ALA A 26 -16.09 -16.65 -5.83
C ALA A 26 -17.48 -16.86 -6.39
N ASP A 27 -18.12 -17.99 -6.08
CA ASP A 27 -19.42 -18.33 -6.67
C ASP A 27 -20.23 -19.13 -5.66
N PRO A 28 -20.73 -18.46 -4.62
CA PRO A 28 -21.54 -19.17 -3.61
C PRO A 28 -22.93 -19.55 -4.08
N TYR A 29 -23.38 -18.99 -5.21
CA TYR A 29 -24.80 -19.08 -5.56
C TYR A 29 -25.30 -20.50 -5.76
N PRO A 30 -24.60 -21.42 -6.44
CA PRO A 30 -25.14 -22.78 -6.54
C PRO A 30 -25.34 -23.45 -5.20
N THR A 31 -24.43 -23.22 -4.25
CA THR A 31 -24.57 -23.81 -2.92
C THR A 31 -25.84 -23.33 -2.23
N TYR A 32 -26.09 -22.01 -2.27
CA TYR A 32 -27.30 -21.48 -1.65
C TYR A 32 -28.55 -21.96 -2.37
N ALA A 33 -28.46 -22.10 -3.70
CA ALA A 33 -29.63 -22.52 -4.48
C ALA A 33 -30.00 -23.96 -4.16
N ARG A 34 -29.01 -24.82 -3.93
CA ARG A 34 -29.32 -26.20 -3.54
C ARG A 34 -29.99 -26.24 -2.17
N LEU A 35 -29.58 -25.36 -1.25
CA LEU A 35 -30.25 -25.29 0.04
C LEU A 35 -31.69 -24.84 -0.14
N ARG A 36 -31.90 -23.79 -0.94
CA ARG A 36 -33.24 -23.26 -1.15
C ARG A 36 -34.18 -24.30 -1.75
N ALA A 37 -33.65 -25.19 -2.58
CA ALA A 37 -34.51 -26.22 -3.17
C ALA A 37 -35.05 -27.17 -2.12
N GLU A 38 -34.35 -27.31 -1.00
CA GLU A 38 -34.82 -28.17 0.08
C GLU A 38 -35.79 -27.42 0.99
N GLY A 39 -35.45 -26.19 1.36
CA GLY A 39 -36.31 -25.41 2.23
C GLY A 39 -35.73 -24.04 2.54
N PRO A 40 -36.40 -23.30 3.42
CA PRO A 40 -35.97 -21.91 3.70
C PRO A 40 -34.86 -21.78 4.72
N ALA A 41 -34.68 -22.72 5.63
CA ALA A 41 -33.78 -22.53 6.74
C ALA A 41 -32.87 -23.73 6.91
N HIS A 42 -31.59 -23.47 7.12
CA HIS A 42 -30.59 -24.52 7.16
C HIS A 42 -29.54 -24.19 8.20
N ARG A 43 -29.24 -25.15 9.08
CA ARG A 43 -28.12 -25.01 10.00
C ARG A 43 -26.82 -25.29 9.28
N VAL A 44 -25.85 -24.40 9.44
CA VAL A 44 -24.53 -24.53 8.85
C VAL A 44 -23.49 -24.17 9.89
N ARG A 45 -22.24 -24.44 9.57
CA ARG A 45 -21.12 -24.07 10.43
C ARG A 45 -20.33 -22.98 9.74
N THR A 46 -20.17 -21.85 10.43
CA THR A 46 -19.32 -20.77 9.93
C THR A 46 -17.88 -21.23 9.87
N PRO A 47 -17.03 -20.54 9.09
CA PRO A 47 -15.60 -20.89 9.08
C PRO A 47 -14.95 -20.84 10.46
N GLU A 48 -15.47 -20.02 11.38
CA GLU A 48 -14.94 -19.96 12.74
C GLU A 48 -15.53 -21.03 13.65
N GLY A 49 -16.28 -21.99 13.11
CA GLY A 49 -16.81 -23.08 13.89
C GLY A 49 -18.13 -22.81 14.57
N ASP A 50 -18.68 -21.62 14.43
CA ASP A 50 -19.95 -21.28 15.07
C ASP A 50 -21.13 -21.84 14.27
N GLU A 51 -22.14 -22.31 14.98
CA GLU A 51 -23.36 -22.79 14.35
C GLU A 51 -24.32 -21.63 14.15
N VAL A 52 -24.78 -21.46 12.91
CA VAL A 52 -25.75 -20.43 12.58
C VAL A 52 -26.80 -21.05 11.66
N TRP A 53 -27.88 -20.31 11.46
CA TRP A 53 -28.91 -20.67 10.51
C TRP A 53 -28.84 -19.76 9.30
N LEU A 54 -28.97 -20.33 8.11
CA LEU A 54 -29.12 -19.55 6.88
C LEU A 54 -30.58 -19.56 6.47
N VAL A 55 -31.10 -18.38 6.13
CA VAL A 55 -32.43 -18.23 5.53
C VAL A 55 -32.21 -17.86 4.07
N VAL A 56 -32.83 -18.63 3.17
CA VAL A 56 -32.60 -18.50 1.73
C VAL A 56 -33.93 -18.35 1.02
N GLY A 57 -33.85 -17.87 -0.23
CA GLY A 57 -35.04 -17.62 -1.04
C GLY A 57 -35.61 -16.22 -0.80
N TYR A 58 -36.09 -15.55 -1.85
CA TYR A 58 -36.43 -14.14 -1.73
C TYR A 58 -37.56 -13.90 -0.72
N ASP A 59 -38.65 -14.66 -0.82
CA ASP A 59 -39.84 -14.35 -0.01
C ASP A 59 -39.54 -14.52 1.47
N ARG A 60 -38.90 -15.63 1.85
CA ARG A 60 -38.59 -15.85 3.26
C ARG A 60 -37.53 -14.88 3.75
N ALA A 61 -36.52 -14.60 2.91
CA ALA A 61 -35.49 -13.64 3.31
C ALA A 61 -36.08 -12.26 3.55
N ARG A 62 -36.93 -11.79 2.64
CA ARG A 62 -37.54 -10.48 2.82
C ARG A 62 -38.42 -10.45 4.08
N ALA A 63 -39.24 -11.49 4.27
CA ALA A 63 -40.10 -11.55 5.45
C ALA A 63 -39.29 -11.54 6.74
N VAL A 64 -38.21 -12.33 6.79
CA VAL A 64 -37.45 -12.47 8.02
C VAL A 64 -36.71 -11.18 8.36
N LEU A 65 -36.19 -10.48 7.34
CA LEU A 65 -35.48 -9.23 7.59
C LEU A 65 -36.32 -8.24 8.38
N ALA A 66 -37.62 -8.20 8.13
CA ALA A 66 -38.50 -7.23 8.77
C ALA A 66 -39.35 -7.81 9.89
N ASP A 67 -39.16 -9.09 10.21
CA ASP A 67 -40.02 -9.78 11.18
C ASP A 67 -39.59 -9.46 12.60
N PRO A 68 -40.43 -8.83 13.42
CA PRO A 68 -40.04 -8.47 14.79
C PRO A 68 -39.72 -9.66 15.68
N ARG A 69 -40.13 -10.87 15.29
CA ARG A 69 -39.74 -12.04 16.07
C ARG A 69 -38.24 -12.29 16.02
N PHE A 70 -37.55 -11.70 15.06
CA PHE A 70 -36.10 -11.84 14.89
C PHE A 70 -35.45 -10.54 15.38
N SER A 71 -34.86 -10.60 16.58
CA SER A 71 -34.25 -9.47 17.23
C SER A 71 -32.82 -9.27 16.73
N LYS A 72 -32.29 -8.06 16.95
CA LYS A 72 -30.89 -7.78 16.70
C LYS A 72 -30.14 -7.45 17.98
N ASP A 73 -30.85 -7.41 19.10
CA ASP A 73 -30.23 -7.14 20.40
C ASP A 73 -29.59 -8.41 20.94
N TRP A 74 -28.30 -8.32 21.28
CA TRP A 74 -27.57 -9.49 21.75
C TRP A 74 -28.05 -9.99 23.11
N ARG A 75 -28.90 -9.23 23.80
CA ARG A 75 -29.53 -9.77 25.00
C ARG A 75 -30.48 -10.91 24.65
N ASN A 76 -30.84 -11.04 23.38
CA ASN A 76 -31.69 -12.13 22.90
C ASN A 76 -30.89 -13.22 22.21
N SER A 77 -29.57 -13.16 22.27
CA SER A 77 -28.69 -14.14 21.66
C SER A 77 -28.04 -15.01 22.72
N THR A 78 -28.09 -16.33 22.52
CA THR A 78 -27.37 -17.22 23.41
C THR A 78 -25.88 -17.29 23.11
N THR A 79 -25.44 -16.73 21.98
CA THR A 79 -24.01 -16.70 21.70
C THR A 79 -23.38 -15.51 22.43
N PRO A 80 -22.49 -15.73 23.38
CA PRO A 80 -21.94 -14.61 24.15
C PRO A 80 -21.11 -13.68 23.28
N LEU A 81 -21.10 -12.42 23.66
CA LEU A 81 -20.26 -11.40 23.02
C LEU A 81 -18.88 -11.43 23.63
N THR A 82 -17.86 -11.20 22.81
CA THR A 82 -16.53 -11.00 23.34
C THR A 82 -16.44 -9.64 24.03
N GLU A 83 -15.34 -9.43 24.77
CA GLU A 83 -15.16 -8.16 25.46
C GLU A 83 -15.09 -6.99 24.48
N ALA A 84 -14.38 -7.17 23.37
CA ALA A 84 -14.26 -6.09 22.40
C ALA A 84 -15.59 -5.83 21.69
N GLU A 85 -16.36 -6.89 21.43
CA GLU A 85 -17.66 -6.72 20.80
C GLU A 85 -18.65 -6.06 21.75
N ALA A 86 -18.58 -6.39 23.04
CA ALA A 86 -19.49 -5.80 24.02
C ALA A 86 -19.23 -4.32 24.23
N ALA A 87 -18.04 -3.84 23.88
CA ALA A 87 -17.76 -2.41 23.97
C ALA A 87 -18.51 -1.62 22.91
N LEU A 88 -18.92 -2.27 21.82
CA LEU A 88 -19.43 -1.58 20.64
C LEU A 88 -20.87 -1.93 20.29
N ASN A 89 -21.52 -2.83 21.02
CA ASN A 89 -22.79 -3.38 20.56
C ASN A 89 -23.99 -2.48 20.84
N HIS A 90 -23.82 -1.38 21.56
CA HIS A 90 -24.94 -0.49 21.86
C HIS A 90 -25.16 0.47 20.69
N ASN A 91 -25.39 -0.10 19.52
CA ASN A 91 -25.60 0.69 18.32
C ASN A 91 -26.93 0.32 17.71
N MET A 92 -27.34 1.12 16.73
CA MET A 92 -28.67 1.00 16.15
C MET A 92 -28.88 -0.33 15.44
N LEU A 93 -27.85 -0.85 14.76
CA LEU A 93 -28.03 -2.09 14.04
C LEU A 93 -28.14 -3.30 14.96
N GLU A 94 -27.57 -3.21 16.17
CA GLU A 94 -27.68 -4.28 17.15
C GLU A 94 -28.60 -3.87 18.28
N SER A 95 -29.71 -3.22 17.92
CA SER A 95 -30.72 -2.79 18.86
C SER A 95 -32.10 -3.12 18.29
N ASP A 96 -33.07 -3.23 19.20
CA ASP A 96 -34.49 -3.31 18.88
C ASP A 96 -35.18 -2.05 19.39
N PRO A 97 -36.41 -1.76 18.95
CA PRO A 97 -37.21 -0.71 19.61
C PRO A 97 -37.39 -1.04 21.07
N PRO A 98 -37.39 -0.03 21.96
CA PRO A 98 -37.32 1.40 21.65
C PRO A 98 -35.90 1.97 21.49
N ARG A 99 -34.85 1.23 21.89
CA ARG A 99 -33.50 1.78 21.76
C ARG A 99 -33.17 2.08 20.30
N HIS A 100 -33.45 1.13 19.40
CA HIS A 100 -33.20 1.38 17.99
C HIS A 100 -33.88 2.66 17.54
N THR A 101 -35.13 2.86 17.97
CA THR A 101 -35.92 4.00 17.53
C THR A 101 -35.27 5.31 17.95
N ARG A 102 -34.79 5.38 19.19
CA ARG A 102 -34.16 6.61 19.66
C ARG A 102 -32.84 6.87 18.96
N LEU A 103 -32.02 5.83 18.80
CA LEU A 103 -30.71 5.98 18.17
C LEU A 103 -30.82 6.40 16.71
N ARG A 104 -31.75 5.81 15.96
CA ARG A 104 -31.86 6.15 14.54
C ARG A 104 -32.37 7.57 14.35
N LYS A 105 -33.27 8.03 15.22
CA LYS A 105 -33.77 9.40 15.13
C LYS A 105 -32.67 10.43 15.25
N LEU A 106 -31.56 10.07 15.89
CA LEU A 106 -30.47 11.03 16.08
C LEU A 106 -29.74 11.37 14.80
N VAL A 107 -29.79 10.51 13.78
CA VAL A 107 -29.01 10.74 12.57
C VAL A 107 -29.85 10.62 11.30
N ALA A 108 -31.13 10.24 11.44
CA ALA A 108 -31.97 10.04 10.27
C ALA A 108 -31.97 11.27 9.36
N ARG A 109 -32.00 12.46 9.95
CA ARG A 109 -32.07 13.68 9.16
C ARG A 109 -30.79 13.92 8.38
N GLU A 110 -29.64 13.49 8.90
CA GLU A 110 -28.37 13.71 8.19
C GLU A 110 -28.28 12.93 6.88
N PHE A 111 -29.09 11.89 6.71
CA PHE A 111 -28.90 10.94 5.61
C PHE A 111 -30.10 10.85 4.68
N THR A 112 -31.05 11.78 4.76
CA THR A 112 -32.11 11.81 3.76
C THR A 112 -31.54 12.15 2.39
N MET A 113 -32.31 11.83 1.36
CA MET A 113 -31.86 12.10 -0.01
C MET A 113 -31.58 13.58 -0.22
N ARG A 114 -32.37 14.46 0.43
CA ARG A 114 -32.16 15.90 0.27
C ARG A 114 -30.86 16.37 0.92
N ARG A 115 -30.55 15.90 2.12
CA ARG A 115 -29.31 16.31 2.77
C ARG A 115 -28.09 15.72 2.07
N VAL A 116 -28.22 14.48 1.59
CA VAL A 116 -27.12 13.82 0.90
C VAL A 116 -26.80 14.52 -0.42
N GLU A 117 -27.82 15.07 -1.08
CA GLU A 117 -27.59 15.79 -2.33
C GLU A 117 -26.73 17.03 -2.12
N LEU A 118 -26.78 17.63 -0.93
CA LEU A 118 -25.87 18.72 -0.63
C LEU A 118 -24.40 18.27 -0.68
N LEU A 119 -24.15 16.96 -0.57
CA LEU A 119 -22.79 16.44 -0.63
C LEU A 119 -22.31 16.18 -2.06
N ARG A 120 -23.20 16.26 -3.05
CA ARG A 120 -22.81 15.96 -4.43
C ARG A 120 -21.61 16.77 -4.90
N PRO A 121 -21.51 18.08 -4.68
CA PRO A 121 -20.30 18.81 -5.11
C PRO A 121 -19.02 18.18 -4.59
N ARG A 122 -18.96 17.90 -3.29
CA ARG A 122 -17.75 17.32 -2.72
C ARG A 122 -17.48 15.92 -3.27
N VAL A 123 -18.52 15.08 -3.34
CA VAL A 123 -18.33 13.72 -3.88
C VAL A 123 -17.80 13.79 -5.30
N GLN A 124 -18.43 14.63 -6.14
CA GLN A 124 -17.96 14.78 -7.52
C GLN A 124 -16.51 15.24 -7.55
N GLU A 125 -16.15 16.16 -6.66
CA GLU A 125 -14.77 16.65 -6.62
C GLU A 125 -13.81 15.54 -6.21
N ILE A 126 -14.20 14.70 -5.25
CA ILE A 126 -13.35 13.58 -4.85
C ILE A 126 -13.22 12.58 -6.00
N VAL A 127 -14.34 12.26 -6.67
CA VAL A 127 -14.29 11.30 -7.77
C VAL A 127 -13.43 11.84 -8.91
N ASP A 128 -13.68 13.10 -9.30
CA ASP A 128 -12.89 13.72 -10.36
C ASP A 128 -11.41 13.65 -10.05
N GLY A 129 -11.03 13.93 -8.80
CA GLY A 129 -9.64 13.86 -8.42
C GLY A 129 -9.09 12.46 -8.47
N LEU A 130 -9.81 11.49 -7.89
CA LEU A 130 -9.33 10.12 -7.88
C LEU A 130 -9.20 9.55 -9.29
N VAL A 131 -10.11 9.93 -10.19
CA VAL A 131 -10.03 9.42 -11.56
C VAL A 131 -8.92 10.11 -12.32
N ASP A 132 -8.66 11.40 -12.04
CA ASP A 132 -7.47 12.06 -12.55
C ASP A 132 -6.21 11.28 -12.21
N ALA A 133 -6.06 10.95 -10.92
CA ALA A 133 -4.89 10.21 -10.47
C ALA A 133 -4.74 8.89 -11.20
N MET A 134 -5.86 8.20 -11.47
CA MET A 134 -5.81 6.93 -12.16
C MET A 134 -5.34 7.09 -13.60
N LEU A 135 -5.97 8.01 -14.34
CA LEU A 135 -5.64 8.18 -15.74
C LEU A 135 -4.20 8.63 -15.97
N ALA A 136 -3.54 9.13 -14.93
CA ALA A 136 -2.13 9.51 -15.02
C ALA A 136 -1.18 8.32 -14.85
N ALA A 137 -1.68 7.10 -15.00
CA ALA A 137 -0.87 5.91 -14.74
C ALA A 137 0.29 5.83 -15.73
N PRO A 138 1.48 5.44 -15.26
CA PRO A 138 2.64 5.33 -16.17
C PRO A 138 2.47 4.29 -17.27
N ASP A 139 1.48 3.41 -17.18
CA ASP A 139 1.28 2.34 -18.15
C ASP A 139 -0.03 2.47 -18.92
N GLY A 140 -1.15 2.58 -18.21
CA GLY A 140 -2.47 2.51 -18.82
C GLY A 140 -3.30 1.45 -18.13
N ARG A 141 -2.80 0.99 -16.98
CA ARG A 141 -3.46 -0.02 -16.17
C ARG A 141 -3.44 0.40 -14.71
N ALA A 142 -4.43 -0.08 -13.96
CA ALA A 142 -4.53 0.25 -12.54
C ALA A 142 -5.41 -0.77 -11.85
N ASP A 143 -5.29 -0.82 -10.52
CA ASP A 143 -6.18 -1.61 -9.67
C ASP A 143 -7.31 -0.69 -9.21
N LEU A 144 -8.53 -0.95 -9.68
CA LEU A 144 -9.67 -0.14 -9.30
C LEU A 144 -9.91 -0.16 -7.79
N MET A 145 -9.53 -1.27 -7.14
CA MET A 145 -9.58 -1.36 -5.68
C MET A 145 -8.80 -0.23 -5.03
N GLU A 146 -7.53 -0.08 -5.40
CA GLU A 146 -6.67 0.92 -4.77
C GLU A 146 -6.93 2.31 -5.30
N SER A 147 -7.31 2.44 -6.57
CA SER A 147 -7.38 3.76 -7.19
C SER A 147 -8.70 4.48 -6.96
N LEU A 148 -9.79 3.76 -6.68
CA LEU A 148 -11.09 4.42 -6.60
C LEU A 148 -11.98 3.84 -5.51
N ALA A 149 -12.19 2.52 -5.53
CA ALA A 149 -13.21 1.91 -4.67
C ALA A 149 -12.84 2.03 -3.19
N TRP A 150 -11.55 1.95 -2.84
CA TRP A 150 -11.17 2.16 -1.45
C TRP A 150 -11.14 3.64 -1.07
N PRO A 151 -10.42 4.51 -1.79
CA PRO A 151 -10.28 5.90 -1.32
C PRO A 151 -11.58 6.67 -1.24
N LEU A 152 -12.52 6.45 -2.18
CA LEU A 152 -13.70 7.31 -2.23
C LEU A 152 -14.59 7.17 -1.00
N PRO A 153 -15.06 5.98 -0.62
CA PRO A 153 -15.96 5.92 0.55
C PRO A 153 -15.28 6.29 1.85
N ILE A 154 -14.04 5.86 2.06
CA ILE A 154 -13.34 6.21 3.30
C ILE A 154 -13.15 7.72 3.39
N THR A 155 -12.94 8.40 2.25
CA THR A 155 -12.79 9.85 2.26
C THR A 155 -14.11 10.52 2.61
N VAL A 156 -15.20 10.06 1.99
CA VAL A 156 -16.51 10.68 2.22
C VAL A 156 -16.93 10.52 3.68
N ILE A 157 -16.88 9.29 4.20
CA ILE A 157 -17.36 9.07 5.56
C ILE A 157 -16.42 9.73 6.57
N SER A 158 -15.13 9.83 6.26
CA SER A 158 -14.21 10.46 7.20
C SER A 158 -14.49 11.95 7.31
N GLU A 159 -14.80 12.61 6.20
CA GLU A 159 -15.11 14.03 6.28
C GLU A 159 -16.42 14.27 7.00
N LEU A 160 -17.38 13.36 6.83
CA LEU A 160 -18.67 13.49 7.52
C LEU A 160 -18.52 13.34 9.02
N LEU A 161 -17.72 12.37 9.47
CA LEU A 161 -17.56 12.09 10.89
C LEU A 161 -16.30 12.71 11.48
N GLY A 162 -15.65 13.61 10.75
CA GLY A 162 -14.51 14.33 11.29
C GLY A 162 -13.31 13.47 11.66
N VAL A 163 -12.95 12.52 10.80
CA VAL A 163 -11.79 11.65 11.04
C VAL A 163 -10.58 12.31 10.38
N PRO A 164 -9.58 12.75 11.14
CA PRO A 164 -8.42 13.42 10.54
C PRO A 164 -7.72 12.54 9.52
N GLU A 165 -7.18 13.19 8.49
CA GLU A 165 -6.55 12.48 7.37
C GLU A 165 -5.49 11.48 7.80
N PRO A 166 -4.56 11.80 8.72
CA PRO A 166 -3.55 10.80 9.10
C PRO A 166 -4.14 9.58 9.78
N ASP A 167 -5.35 9.67 10.32
CA ASP A 167 -5.98 8.54 11.00
C ASP A 167 -6.65 7.56 10.05
N ARG A 168 -6.87 7.95 8.79
CA ARG A 168 -7.69 7.10 7.92
C ARG A 168 -6.95 5.84 7.51
N ALA A 169 -5.61 5.87 7.48
CA ALA A 169 -4.84 4.69 7.06
C ALA A 169 -5.16 3.49 7.93
N ALA A 170 -5.27 3.69 9.25
CA ALA A 170 -5.54 2.58 10.14
C ALA A 170 -6.89 1.93 9.87
N PHE A 171 -7.83 2.64 9.27
CA PHE A 171 -9.13 2.05 8.97
C PHE A 171 -9.01 0.96 7.91
N ARG A 172 -8.17 1.19 6.90
CA ARG A 172 -7.83 0.14 5.95
C ARG A 172 -7.39 -1.14 6.65
N VAL A 173 -6.42 -1.02 7.55
CA VAL A 173 -5.89 -2.20 8.23
C VAL A 173 -6.96 -2.85 9.09
N TRP A 174 -7.71 -2.03 9.85
CA TRP A 174 -8.74 -2.58 10.73
C TRP A 174 -9.81 -3.29 9.93
N THR A 175 -10.31 -2.64 8.87
CA THR A 175 -11.32 -3.25 8.01
C THR A 175 -10.82 -4.57 7.44
N ASP A 176 -9.56 -4.59 6.98
CA ASP A 176 -9.00 -5.83 6.43
C ASP A 176 -9.00 -6.93 7.48
N ALA A 177 -8.71 -6.58 8.73
CA ALA A 177 -8.76 -7.57 9.80
C ALA A 177 -10.20 -8.02 10.10
N PHE A 178 -11.18 -7.16 9.84
CA PHE A 178 -12.57 -7.54 10.04
C PHE A 178 -13.03 -8.52 8.95
N VAL A 179 -12.64 -8.27 7.71
CA VAL A 179 -13.13 -9.07 6.59
C VAL A 179 -12.43 -10.41 6.53
N PHE A 180 -11.10 -10.41 6.46
CA PHE A 180 -10.30 -11.63 6.33
C PHE A 180 -9.17 -11.61 7.34
N PRO A 181 -9.45 -11.92 8.60
CA PRO A 181 -8.39 -11.93 9.60
C PRO A 181 -7.47 -13.13 9.42
N ASP A 182 -6.23 -12.98 9.89
CA ASP A 182 -5.32 -14.12 9.92
C ASP A 182 -5.81 -15.18 10.90
N ASP A 183 -6.31 -14.75 12.06
CA ASP A 183 -6.89 -15.64 13.06
C ASP A 183 -8.00 -14.89 13.76
N PRO A 184 -8.89 -15.59 14.46
CA PRO A 184 -9.99 -14.90 15.16
C PRO A 184 -9.51 -13.83 16.13
N ALA A 185 -8.27 -13.91 16.60
CA ALA A 185 -7.75 -12.93 17.56
C ALA A 185 -7.40 -11.61 16.89
N GLN A 186 -6.96 -11.64 15.62
CA GLN A 186 -6.56 -10.39 14.99
C GLN A 186 -7.77 -9.48 14.74
N ALA A 187 -8.93 -10.08 14.42
CA ALA A 187 -10.14 -9.29 14.30
C ALA A 187 -10.55 -8.71 15.64
N GLN A 188 -10.47 -9.51 16.71
CA GLN A 188 -10.73 -9.01 18.05
C GLN A 188 -9.75 -7.90 18.42
N THR A 189 -8.49 -8.07 18.06
CA THR A 189 -7.49 -7.05 18.34
C THR A 189 -7.79 -5.78 17.57
N ALA A 190 -8.16 -5.90 16.30
CA ALA A 190 -8.52 -4.72 15.51
C ALA A 190 -9.69 -3.98 16.14
N MET A 191 -10.66 -4.71 16.68
CA MET A 191 -11.81 -4.05 17.30
C MET A 191 -11.39 -3.26 18.53
N ALA A 192 -10.50 -3.83 19.33
CA ALA A 192 -10.05 -3.15 20.54
C ALA A 192 -9.30 -1.88 20.20
N GLU A 193 -8.41 -1.94 19.19
CA GLU A 193 -7.70 -0.74 18.77
C GLU A 193 -8.66 0.30 18.20
N MET A 194 -9.60 -0.14 17.37
CA MET A 194 -10.56 0.81 16.80
C MET A 194 -11.37 1.50 17.89
N SER A 195 -11.83 0.72 18.87
CA SER A 195 -12.64 1.29 19.94
C SER A 195 -11.84 2.26 20.78
N GLY A 196 -10.60 1.91 21.13
CA GLY A 196 -9.73 2.85 21.82
C GLY A 196 -9.52 4.13 21.03
N TYR A 197 -9.28 4.00 19.73
CA TYR A 197 -9.09 5.19 18.90
C TYR A 197 -10.35 6.05 18.84
N LEU A 198 -11.51 5.42 18.61
CA LEU A 198 -12.76 6.19 18.53
C LEU A 198 -13.05 6.91 19.84
N SER A 199 -12.79 6.25 20.98
CA SER A 199 -12.97 6.91 22.27
C SER A 199 -12.06 8.12 22.40
N ARG A 200 -10.82 8.02 21.91
CA ARG A 200 -9.93 9.17 21.92
C ARG A 200 -10.38 10.24 20.93
N LEU A 201 -10.88 9.82 19.76
CA LEU A 201 -11.39 10.79 18.81
C LEU A 201 -12.59 11.54 19.38
N ILE A 202 -13.52 10.80 19.99
CA ILE A 202 -14.69 11.41 20.63
C ILE A 202 -14.27 12.48 21.64
N ASP A 203 -13.33 12.12 22.53
CA ASP A 203 -12.91 13.09 23.55
C ASP A 203 -12.25 14.32 22.92
N SER A 204 -11.54 14.13 21.80
CA SER A 204 -10.84 15.24 21.17
C SER A 204 -11.81 16.26 20.56
N LYS A 205 -13.07 15.89 20.33
CA LYS A 205 -14.03 16.84 19.79
C LYS A 205 -14.61 17.75 20.87
N ARG A 206 -14.48 17.36 22.14
CA ARG A 206 -15.13 18.07 23.22
C ARG A 206 -14.59 19.50 23.32
N GLY A 207 -15.51 20.46 23.35
CA GLY A 207 -15.13 21.85 23.47
C GLY A 207 -14.56 22.49 22.21
N GLN A 208 -14.52 21.78 21.08
CA GLN A 208 -13.87 22.32 19.89
C GLN A 208 -14.85 22.88 18.87
N ASP A 209 -16.16 22.80 19.11
CA ASP A 209 -17.18 23.42 18.26
C ASP A 209 -17.15 22.89 16.84
N GLY A 210 -16.76 21.64 16.65
CA GLY A 210 -16.74 21.08 15.32
C GLY A 210 -18.14 20.97 14.75
N GLU A 211 -18.24 21.14 13.42
CA GLU A 211 -19.51 21.02 12.71
C GLU A 211 -19.73 19.64 12.12
N ASP A 212 -18.75 18.73 12.22
CA ASP A 212 -18.91 17.39 11.70
C ASP A 212 -19.97 16.63 12.51
N LEU A 213 -20.41 15.49 11.96
CA LEU A 213 -21.48 14.73 12.61
C LEU A 213 -21.02 14.15 13.95
N LEU A 214 -19.79 13.68 14.04
CA LEU A 214 -19.34 13.12 15.31
C LEU A 214 -19.37 14.18 16.41
N SER A 215 -18.84 15.38 16.14
CA SER A 215 -18.86 16.44 17.14
C SER A 215 -20.28 16.73 17.60
N ALA A 216 -21.24 16.74 16.67
CA ALA A 216 -22.65 16.95 17.03
C ALA A 216 -23.17 15.83 17.92
N LEU A 217 -22.79 14.60 17.64
CA LEU A 217 -23.20 13.47 18.47
C LEU A 217 -22.57 13.55 19.85
N VAL A 218 -21.29 13.90 19.92
CA VAL A 218 -20.62 14.04 21.22
C VAL A 218 -21.36 15.06 22.08
N ARG A 219 -21.71 16.21 21.50
CA ARG A 219 -22.46 17.21 22.24
C ARG A 219 -23.81 16.68 22.71
N THR A 220 -24.52 15.96 21.85
CA THR A 220 -25.80 15.39 22.26
C THR A 220 -25.63 14.47 23.47
N SER A 221 -24.60 13.64 23.46
CA SER A 221 -24.39 12.71 24.57
C SER A 221 -23.97 13.45 25.83
N ASP A 222 -23.04 14.40 25.68
CA ASP A 222 -22.60 15.18 26.82
C ASP A 222 -23.75 15.96 27.45
N GLU A 223 -24.68 16.45 26.62
CA GLU A 223 -25.79 17.25 27.14
C GLU A 223 -26.78 16.41 27.92
N ASP A 224 -27.10 15.21 27.42
CA ASP A 224 -28.18 14.41 28.01
C ASP A 224 -27.83 12.94 27.77
N GLY A 225 -27.24 12.30 28.79
CA GLY A 225 -26.93 10.89 28.70
C GLY A 225 -28.14 9.99 28.55
N SER A 226 -29.33 10.51 28.83
CA SER A 226 -30.55 9.75 28.59
C SER A 226 -30.96 9.76 27.12
N ARG A 227 -30.49 10.73 26.35
CA ARG A 227 -30.73 10.73 24.93
C ARG A 227 -29.68 9.91 24.19
N LEU A 228 -28.42 9.97 24.63
CA LEU A 228 -27.35 9.18 24.03
C LEU A 228 -26.31 8.91 25.12
N THR A 229 -26.17 7.66 25.55
CA THR A 229 -25.17 7.35 26.57
C THR A 229 -23.76 7.35 25.97
N SER A 230 -22.75 7.33 26.84
CA SER A 230 -21.39 7.32 26.33
C SER A 230 -21.07 6.01 25.60
N GLU A 231 -21.66 4.90 26.05
CA GLU A 231 -21.54 3.64 25.33
C GLU A 231 -22.23 3.71 23.97
N GLU A 232 -23.39 4.35 23.90
CA GLU A 232 -24.10 4.46 22.62
C GLU A 232 -23.40 5.44 21.69
N LEU A 233 -22.71 6.43 22.25
CA LEU A 233 -21.96 7.36 21.41
C LEU A 233 -20.82 6.66 20.70
N LEU A 234 -20.12 5.78 21.41
CA LEU A 234 -19.04 5.01 20.80
C LEU A 234 -19.61 4.00 19.81
N GLY A 235 -20.73 3.35 20.16
CA GLY A 235 -21.39 2.47 19.20
C GLY A 235 -21.82 3.19 17.93
N MET A 236 -22.33 4.42 18.07
CA MET A 236 -22.71 5.23 16.90
C MET A 236 -21.54 5.52 15.99
N ALA A 237 -20.42 5.98 16.54
CA ALA A 237 -19.27 6.33 15.71
C ALA A 237 -18.78 5.10 14.98
C11 4AF A 238 -16.26 -4.27 13.95
C8 4AF A 238 -17.63 -3.86 14.49
O2 4AF A 238 -18.51 -4.68 14.58
C7 4AF A 238 -17.88 -2.42 14.94
C9 4AF A 238 -16.79 -1.56 15.04
C10 4AF A 238 -16.98 -0.23 15.45
C6 4AF A 238 -19.15 -1.98 15.28
C5 4AF A 238 -19.34 -0.65 15.70
C4 4AF A 238 -18.25 0.22 15.78
C3 4AF A 238 -18.44 1.69 16.27
CA 4AF A 238 -18.31 2.74 15.14
C 4AF A 238 -19.20 2.32 13.98
O 4AF A 238 -18.66 2.08 12.85
N 4AF A 238 -18.73 3.99 15.70
N ILE A 239 -20.51 2.24 14.21
CA ILE A 239 -21.47 1.73 13.22
C ILE A 239 -21.46 2.61 11.97
N LEU A 240 -21.39 3.93 12.15
CA LEU A 240 -21.47 4.82 11.01
C LEU A 240 -20.20 4.75 10.17
N LEU A 241 -19.06 4.49 10.81
CA LEU A 241 -17.79 4.41 10.09
C LEU A 241 -17.63 3.06 9.40
N VAL A 242 -17.98 1.97 10.07
CA VAL A 242 -17.79 0.66 9.45
C VAL A 242 -18.83 0.41 8.38
N ALA A 243 -20.11 0.58 8.69
CA ALA A 243 -21.14 0.44 7.67
C ALA A 243 -21.04 1.53 6.61
N GLY A 244 -20.45 2.68 6.93
CA GLY A 244 -20.28 3.73 5.94
C GLY A 244 -19.14 3.53 4.98
N HIS A 245 -18.47 2.37 5.06
CA HIS A 245 -17.17 2.17 4.43
C HIS A 245 -17.13 0.92 3.57
N GLU A 246 -16.98 -0.25 4.20
CA GLU A 246 -16.62 -1.45 3.45
C GLU A 246 -17.72 -1.92 2.50
N THR A 247 -18.99 -1.64 2.81
CA THR A 247 -20.04 -1.99 1.84
C THR A 247 -19.96 -1.11 0.60
N THR A 248 -19.71 0.19 0.77
CA THR A 248 -19.67 1.05 -0.41
C THR A 248 -18.45 0.75 -1.26
N VAL A 249 -17.31 0.47 -0.63
CA VAL A 249 -16.13 0.04 -1.36
C VAL A 249 -16.48 -1.09 -2.30
N ASN A 250 -17.18 -2.10 -1.79
CA ASN A 250 -17.50 -3.28 -2.58
C ASN A 250 -18.63 -3.05 -3.56
N LEU A 251 -19.54 -2.10 -3.30
CA LEU A 251 -20.52 -1.75 -4.32
C LEU A 251 -19.85 -1.18 -5.55
N ILE A 252 -18.86 -0.30 -5.35
CA ILE A 252 -18.16 0.32 -6.48
C ILE A 252 -17.34 -0.73 -7.23
N ALA A 253 -16.60 -1.55 -6.49
CA ALA A 253 -15.80 -2.62 -7.10
C ALA A 253 -16.68 -3.67 -7.77
N ASN A 254 -17.60 -4.27 -7.00
CA ASN A 254 -18.46 -5.30 -7.56
C ASN A 254 -19.27 -4.77 -8.74
N GLY A 255 -19.70 -3.51 -8.65
CA GLY A 255 -20.51 -2.95 -9.71
C GLY A 255 -19.76 -2.77 -11.01
N MET A 256 -18.51 -2.31 -10.92
CA MET A 256 -17.71 -2.18 -12.14
C MET A 256 -17.23 -3.54 -12.64
N TYR A 257 -16.94 -4.47 -11.73
CA TYR A 257 -16.69 -5.84 -12.17
C TYR A 257 -17.87 -6.37 -12.97
N ALA A 258 -19.09 -6.01 -12.59
CA ALA A 258 -20.28 -6.48 -13.29
C ALA A 258 -20.32 -5.90 -14.70
N LEU A 259 -20.12 -4.58 -14.82
CA LEU A 259 -20.08 -3.95 -16.14
C LEU A 259 -18.92 -4.48 -16.98
N LEU A 260 -17.72 -4.49 -16.40
CA LEU A 260 -16.55 -4.91 -17.18
C LEU A 260 -16.60 -6.39 -17.56
N SER A 261 -17.22 -7.23 -16.73
CA SER A 261 -17.34 -8.63 -17.09
C SER A 261 -18.49 -8.90 -18.06
N HIS A 262 -19.32 -7.89 -18.32
CA HIS A 262 -20.43 -7.99 -19.27
C HIS A 262 -20.30 -6.85 -20.26
N PRO A 263 -19.33 -6.92 -21.17
CA PRO A 263 -19.03 -5.76 -22.03
C PRO A 263 -20.21 -5.24 -22.82
N ASP A 264 -21.19 -6.10 -23.12
CA ASP A 264 -22.40 -5.65 -23.81
C ASP A 264 -23.19 -4.67 -22.96
N GLN A 265 -23.26 -4.92 -21.63
CA GLN A 265 -23.97 -3.99 -20.77
C GLN A 265 -23.16 -2.72 -20.54
N LEU A 266 -21.84 -2.87 -20.47
CA LEU A 266 -20.97 -1.69 -20.41
C LEU A 266 -21.21 -0.80 -21.63
N ALA A 267 -21.35 -1.41 -22.81
CA ALA A 267 -21.58 -0.65 -24.03
C ALA A 267 -22.95 0.00 -24.03
N ALA A 268 -23.97 -0.73 -23.58
CA ALA A 268 -25.31 -0.16 -23.53
C ALA A 268 -25.35 1.06 -22.62
N LEU A 269 -24.76 0.96 -21.43
CA LEU A 269 -24.76 2.08 -20.50
C LEU A 269 -23.95 3.25 -21.04
N ARG A 270 -22.77 2.98 -21.60
CA ARG A 270 -21.96 4.05 -22.19
C ARG A 270 -22.70 4.76 -23.30
N ALA A 271 -23.56 4.04 -24.03
CA ALA A 271 -24.34 4.60 -25.13
C ALA A 271 -25.59 5.32 -24.66
N ASP A 272 -25.94 5.23 -23.38
CA ASP A 272 -27.17 5.84 -22.87
C ASP A 272 -27.05 5.99 -21.37
N MET A 273 -26.42 7.06 -20.92
CA MET A 273 -26.20 7.30 -19.51
C MET A 273 -27.49 7.54 -18.74
N THR A 274 -28.63 7.72 -19.43
CA THR A 274 -29.90 7.78 -18.72
C THR A 274 -30.25 6.43 -18.08
N LEU A 275 -29.55 5.37 -18.43
CA LEU A 275 -29.71 4.06 -17.80
C LEU A 275 -28.92 3.94 -16.50
N LEU A 276 -28.15 4.96 -16.13
CA LEU A 276 -27.22 4.82 -15.01
C LEU A 276 -27.94 4.42 -13.73
N ASP A 277 -29.09 5.03 -13.46
CA ASP A 277 -29.79 4.77 -12.20
C ASP A 277 -30.22 3.31 -12.11
N GLY A 278 -30.85 2.79 -13.15
CA GLY A 278 -31.20 1.38 -13.16
C GLY A 278 -29.98 0.48 -13.09
N ALA A 279 -28.86 0.90 -13.68
CA ALA A 279 -27.66 0.07 -13.69
C ALA A 279 -27.09 -0.12 -12.29
N VAL A 280 -27.09 0.94 -11.48
CA VAL A 280 -26.61 0.80 -10.11
C VAL A 280 -27.55 -0.08 -9.30
N GLU A 281 -28.85 0.00 -9.56
CA GLU A 281 -29.80 -0.90 -8.89
C GLU A 281 -29.54 -2.35 -9.26
N GLU A 282 -29.25 -2.62 -10.54
CA GLU A 282 -28.92 -3.99 -10.93
C GLU A 282 -27.55 -4.40 -10.40
N MET A 283 -26.66 -3.43 -10.24
CA MET A 283 -25.38 -3.65 -9.59
C MET A 283 -25.59 -4.16 -8.16
N LEU A 284 -26.52 -3.53 -7.43
CA LEU A 284 -26.89 -3.97 -6.09
C LEU A 284 -27.57 -5.32 -6.11
N ARG A 285 -28.42 -5.54 -7.11
CA ARG A 285 -29.13 -6.81 -7.25
C ARG A 285 -28.16 -7.95 -7.56
N TYR A 286 -27.28 -7.73 -8.53
CA TYR A 286 -26.55 -8.83 -9.16
C TYR A 286 -25.37 -9.29 -8.30
N GLU A 287 -24.58 -8.34 -7.78
CA GLU A 287 -23.43 -8.66 -6.96
C GLU A 287 -23.29 -7.61 -5.84
N GLY A 288 -24.31 -7.53 -5.00
CA GLY A 288 -24.30 -6.59 -3.90
C GLY A 288 -23.24 -6.94 -2.87
N PRO A 289 -22.73 -5.92 -2.18
CA PRO A 289 -21.66 -6.15 -1.21
C PRO A 289 -22.07 -7.01 -0.01
N VAL A 290 -23.35 -7.05 0.37
CA VAL A 290 -23.76 -7.82 1.54
C VAL A 290 -24.25 -9.18 1.07
N GLU A 291 -23.47 -10.23 1.38
CA GLU A 291 -23.85 -11.59 1.03
C GLU A 291 -24.89 -12.14 2.00
N SER A 292 -24.71 -11.90 3.30
CA SER A 292 -25.69 -12.26 4.32
C SER A 292 -25.86 -11.09 5.28
N ALA A 293 -27.10 -10.87 5.71
CA ALA A 293 -27.40 -9.75 6.59
C ALA A 293 -26.81 -9.98 7.98
N THR A 294 -26.81 -8.94 8.80
CA THR A 294 -26.20 -9.06 10.11
C THR A 294 -27.09 -9.89 11.04
N TYR A 295 -26.51 -10.27 12.18
CA TYR A 295 -27.07 -11.37 12.97
C TYR A 295 -28.47 -11.07 13.48
N ARG A 296 -29.36 -12.04 13.35
CA ARG A 296 -30.69 -11.97 13.92
C ARG A 296 -30.90 -13.10 14.92
N PHE A 297 -31.69 -12.84 15.95
CA PHE A 297 -31.90 -13.78 17.05
C PHE A 297 -33.39 -13.92 17.33
N PRO A 298 -34.00 -15.07 17.07
CA PRO A 298 -35.42 -15.21 17.39
C PRO A 298 -35.67 -15.06 18.88
N VAL A 299 -36.69 -14.25 19.22
CA VAL A 299 -37.07 -14.06 20.61
C VAL A 299 -37.97 -15.18 21.11
N GLU A 300 -38.44 -16.01 20.19
CA GLU A 300 -39.21 -17.22 20.48
C GLU A 300 -38.83 -18.23 19.42
N PRO A 301 -39.10 -19.51 19.65
CA PRO A 301 -38.97 -20.48 18.55
C PRO A 301 -39.83 -20.05 17.36
N VAL A 302 -39.25 -20.14 16.17
CA VAL A 302 -39.92 -19.71 14.95
C VAL A 302 -39.94 -20.88 13.97
N ASP A 303 -41.13 -21.21 13.46
CA ASP A 303 -41.33 -22.32 12.53
C ASP A 303 -41.30 -21.77 11.12
N LEU A 304 -40.33 -22.23 10.32
CA LEU A 304 -40.20 -21.87 8.91
C LEU A 304 -40.48 -23.11 8.06
N ASP A 305 -41.77 -23.32 7.74
CA ASP A 305 -42.21 -24.44 6.91
C ASP A 305 -41.69 -25.77 7.46
N GLY A 306 -41.99 -26.01 8.73
CA GLY A 306 -41.58 -27.24 9.39
C GLY A 306 -40.23 -27.18 10.07
N THR A 307 -39.37 -26.24 9.68
CA THR A 307 -38.09 -26.04 10.33
C THR A 307 -38.26 -25.01 11.44
N VAL A 308 -38.11 -25.43 12.69
CA VAL A 308 -38.21 -24.54 13.82
C VAL A 308 -36.81 -24.11 14.23
N ILE A 309 -36.63 -22.82 14.44
CA ILE A 309 -35.36 -22.26 14.90
C ILE A 309 -35.50 -21.92 16.37
N PRO A 310 -34.63 -22.43 17.24
CA PRO A 310 -34.79 -22.15 18.67
C PRO A 310 -34.51 -20.70 19.02
N ALA A 311 -35.17 -20.24 20.08
CA ALA A 311 -34.98 -18.88 20.54
C ALA A 311 -33.51 -18.66 20.91
N GLY A 312 -32.94 -17.56 20.43
CA GLY A 312 -31.60 -17.20 20.75
C GLY A 312 -30.54 -17.69 19.80
N ASP A 313 -30.89 -18.56 18.85
CA ASP A 313 -29.95 -18.99 17.83
C ASP A 313 -29.62 -17.82 16.90
N THR A 314 -28.52 -17.97 16.16
CA THR A 314 -28.11 -16.95 15.20
C THR A 314 -28.67 -17.25 13.82
N VAL A 315 -29.27 -16.23 13.19
CA VAL A 315 -29.93 -16.37 11.90
C VAL A 315 -29.32 -15.38 10.91
N LEU A 316 -28.83 -15.89 9.79
CA LEU A 316 -28.28 -15.08 8.71
C LEU A 316 -29.23 -15.12 7.52
N VAL A 317 -29.74 -13.96 7.12
CA VAL A 317 -30.55 -13.85 5.93
C VAL A 317 -29.63 -13.72 4.72
N VAL A 318 -29.66 -14.70 3.82
CA VAL A 318 -28.71 -14.75 2.70
C VAL A 318 -29.30 -13.90 1.57
N LEU A 319 -28.95 -12.62 1.57
CA LEU A 319 -29.42 -11.72 0.52
C LEU A 319 -28.96 -12.17 -0.85
N ALA A 320 -27.75 -12.75 -0.94
CA ALA A 320 -27.22 -13.21 -2.21
C ALA A 320 -28.16 -14.21 -2.87
N ASP A 321 -28.75 -15.11 -2.07
CA ASP A 321 -29.65 -16.09 -2.66
C ASP A 321 -31.01 -15.49 -3.00
N ALA A 322 -31.52 -14.61 -2.14
CA ALA A 322 -32.75 -13.89 -2.45
C ALA A 322 -32.67 -13.27 -3.85
N HIS A 323 -31.51 -12.72 -4.20
CA HIS A 323 -31.35 -12.01 -5.46
C HIS A 323 -31.11 -12.94 -6.63
N ARG A 324 -31.04 -14.25 -6.41
CA ARG A 324 -31.02 -15.21 -7.49
C ARG A 324 -32.28 -16.06 -7.54
N THR A 325 -33.32 -15.66 -6.79
CA THR A 325 -34.59 -16.37 -6.79
C THR A 325 -35.32 -16.05 -8.09
N PRO A 326 -35.49 -17.03 -8.98
CA PRO A 326 -36.01 -16.72 -10.33
C PRO A 326 -37.43 -16.20 -10.33
N GLU A 327 -38.24 -16.60 -9.34
CA GLU A 327 -39.61 -16.13 -9.26
C GLU A 327 -39.65 -14.61 -9.15
N ARG A 328 -38.71 -14.02 -8.41
CA ARG A 328 -38.68 -12.57 -8.25
C ARG A 328 -37.84 -11.89 -9.34
N PHE A 329 -36.74 -12.51 -9.76
CA PHE A 329 -35.81 -11.94 -10.74
C PHE A 329 -35.61 -12.94 -11.87
N PRO A 330 -36.42 -12.87 -12.92
CA PRO A 330 -36.32 -13.83 -14.02
C PRO A 330 -34.95 -13.78 -14.67
N ASP A 331 -34.48 -14.94 -15.13
CA ASP A 331 -33.09 -15.12 -15.55
C ASP A 331 -32.15 -14.52 -14.52
N PRO A 332 -32.17 -15.02 -13.28
CA PRO A 332 -31.43 -14.34 -12.19
C PRO A 332 -29.94 -14.20 -12.41
N HIS A 333 -29.32 -15.10 -13.17
CA HIS A 333 -27.86 -15.03 -13.31
C HIS A 333 -27.42 -14.08 -14.40
N ARG A 334 -28.35 -13.41 -15.07
CA ARG A 334 -28.01 -12.43 -16.09
C ARG A 334 -27.92 -11.05 -15.46
N PHE A 335 -26.82 -10.35 -15.74
CA PHE A 335 -26.66 -8.95 -15.36
C PHE A 335 -27.28 -8.10 -16.45
N ASP A 336 -28.41 -7.46 -16.12
CA ASP A 336 -29.24 -6.76 -17.10
C ASP A 336 -29.61 -5.40 -16.51
N ILE A 337 -28.98 -4.34 -17.02
CA ILE A 337 -29.14 -3.03 -16.41
C ILE A 337 -30.53 -2.43 -16.63
N ARG A 338 -31.35 -3.03 -17.49
CA ARG A 338 -32.71 -2.56 -17.73
C ARG A 338 -33.74 -3.43 -17.02
N ARG A 339 -33.30 -4.37 -16.18
CA ARG A 339 -34.19 -5.27 -15.50
C ARG A 339 -35.00 -4.54 -14.43
N ASP A 340 -36.17 -5.10 -14.12
CA ASP A 340 -36.95 -4.69 -12.96
C ASP A 340 -36.24 -5.14 -11.69
N THR A 341 -35.70 -4.18 -10.93
CA THR A 341 -35.01 -4.44 -9.68
C THR A 341 -35.85 -4.12 -8.46
N ALA A 342 -37.13 -3.82 -8.64
CA ALA A 342 -37.96 -3.35 -7.54
C ALA A 342 -37.96 -4.35 -6.39
N GLY A 343 -37.72 -3.86 -5.18
CA GLY A 343 -37.77 -4.69 -4.00
C GLY A 343 -36.54 -5.54 -3.74
N HIS A 344 -35.42 -5.27 -4.40
CA HIS A 344 -34.20 -5.94 -3.99
C HIS A 344 -33.89 -5.60 -2.54
N LEU A 345 -33.10 -6.47 -1.90
CA LEU A 345 -32.80 -6.43 -0.48
C LEU A 345 -31.36 -6.05 -0.18
N ALA A 346 -30.66 -5.44 -1.16
CA ALA A 346 -29.24 -5.16 -0.97
C ALA A 346 -29.00 -4.20 0.19
N PHE A 347 -29.99 -3.35 0.50
CA PHE A 347 -29.96 -2.43 1.63
C PHE A 347 -30.76 -2.94 2.83
N GLY A 348 -31.20 -4.19 2.78
CA GLY A 348 -32.03 -4.74 3.84
C GLY A 348 -33.51 -4.47 3.61
N HIS A 349 -34.27 -4.57 4.69
CA HIS A 349 -35.71 -4.37 4.65
C HIS A 349 -36.24 -4.33 6.07
N GLY A 350 -37.11 -3.37 6.35
CA GLY A 350 -37.70 -3.23 7.67
C GLY A 350 -37.12 -2.05 8.42
N ILE A 351 -37.21 -2.13 9.76
CA ILE A 351 -36.76 -0.99 10.56
C ILE A 351 -35.25 -0.79 10.47
N HIS A 352 -34.50 -1.79 10.05
CA HIS A 352 -33.05 -1.67 9.95
C HIS A 352 -32.57 -1.33 8.54
N PHE A 353 -33.49 -1.00 7.62
CA PHE A 353 -33.12 -0.65 6.25
C PHE A 353 -32.05 0.43 6.25
N CYS A 354 -31.06 0.26 5.37
CA CYS A 354 -29.84 1.06 5.40
C CYS A 354 -30.14 2.55 5.43
N ILE A 355 -29.63 3.23 6.46
CA ILE A 355 -29.81 4.67 6.56
C ILE A 355 -28.95 5.39 5.53
N GLY A 356 -27.89 4.75 5.06
CA GLY A 356 -26.97 5.34 4.13
C GLY A 356 -27.29 5.17 2.66
N ALA A 357 -28.42 4.54 2.33
CA ALA A 357 -28.66 4.18 0.93
C ALA A 357 -28.56 5.35 -0.03
N PRO A 358 -29.12 6.55 0.25
CA PRO A 358 -28.94 7.66 -0.70
C PRO A 358 -27.49 8.06 -0.90
N LEU A 359 -26.67 7.97 0.15
CA LEU A 359 -25.26 8.32 0.02
C LEU A 359 -24.50 7.23 -0.74
N ALA A 360 -24.79 5.97 -0.45
CA ALA A 360 -24.20 4.88 -1.22
C ALA A 360 -24.51 5.02 -2.70
N ARG A 361 -25.77 5.32 -3.03
CA ARG A 361 -26.16 5.45 -4.43
C ARG A 361 -25.49 6.64 -5.07
N LEU A 362 -25.42 7.76 -4.35
CA LEU A 362 -24.76 8.95 -4.87
C LEU A 362 -23.29 8.66 -5.22
N GLU A 363 -22.57 8.01 -4.30
CA GLU A 363 -21.17 7.71 -4.54
C GLU A 363 -21.01 6.77 -5.74
N ALA A 364 -21.83 5.72 -5.78
CA ALA A 364 -21.73 4.75 -6.86
C ALA A 364 -22.04 5.39 -8.21
N ARG A 365 -23.10 6.20 -8.29
CA ARG A 365 -23.50 6.75 -9.57
C ARG A 365 -22.44 7.70 -10.12
N ILE A 366 -21.90 8.56 -9.27
CA ILE A 366 -20.89 9.50 -9.72
C ILE A 366 -19.64 8.76 -10.19
N ALA A 367 -19.24 7.73 -9.42
CA ALA A 367 -18.02 6.98 -9.73
C ALA A 367 -18.16 6.21 -11.03
N VAL A 368 -19.30 5.53 -11.22
CA VAL A 368 -19.52 4.76 -12.43
C VAL A 368 -19.55 5.69 -13.65
N ARG A 369 -20.31 6.78 -13.55
CA ARG A 369 -20.41 7.72 -14.65
C ARG A 369 -19.03 8.26 -15.04
N ALA A 370 -18.23 8.65 -14.04
CA ALA A 370 -16.93 9.25 -14.33
C ALA A 370 -16.02 8.26 -15.05
N LEU A 371 -16.00 7.01 -14.59
CA LEU A 371 -15.15 6.01 -15.25
C LEU A 371 -15.59 5.79 -16.69
N LEU A 372 -16.89 5.76 -16.95
CA LEU A 372 -17.36 5.43 -18.29
C LEU A 372 -17.24 6.60 -19.25
N GLU A 373 -17.32 7.82 -18.74
CA GLU A 373 -17.22 9.00 -19.59
C GLU A 373 -15.78 9.42 -19.84
N ARG A 374 -14.84 9.01 -18.98
CA ARG A 374 -13.48 9.50 -19.04
C ARG A 374 -12.44 8.43 -19.34
N CYS A 375 -12.77 7.14 -19.18
CA CYS A 375 -11.88 6.07 -19.58
C CYS A 375 -12.40 5.50 -20.90
N PRO A 376 -11.80 5.84 -22.05
CA PRO A 376 -12.41 5.53 -23.35
C PRO A 376 -12.70 4.06 -23.58
N ASP A 377 -11.67 3.22 -23.57
CA ASP A 377 -11.85 1.80 -23.80
C ASP A 377 -11.59 1.03 -22.51
N LEU A 378 -12.45 1.26 -21.52
CA LEU A 378 -12.28 0.60 -20.22
C LEU A 378 -12.57 -0.89 -20.34
N ALA A 379 -11.69 -1.70 -19.76
CA ALA A 379 -11.87 -3.15 -19.80
C ALA A 379 -11.10 -3.77 -18.64
N LEU A 380 -11.48 -5.00 -18.30
CA LEU A 380 -10.74 -5.75 -17.29
C LEU A 380 -9.33 -6.08 -17.81
N ASP A 381 -8.39 -6.16 -16.88
CA ASP A 381 -7.01 -6.52 -17.22
C ASP A 381 -6.73 -8.00 -17.05
N VAL A 382 -7.57 -8.71 -16.30
CA VAL A 382 -7.55 -10.17 -16.23
C VAL A 382 -8.92 -10.66 -16.64
N SER A 383 -9.06 -11.98 -16.79
CA SER A 383 -10.38 -12.50 -17.15
C SER A 383 -11.25 -12.61 -15.90
N PRO A 384 -12.57 -12.52 -16.06
CA PRO A 384 -13.46 -12.54 -14.87
C PRO A 384 -13.20 -13.72 -13.93
N GLY A 385 -12.94 -14.91 -14.48
CA GLY A 385 -12.65 -16.07 -13.64
C GLY A 385 -11.31 -16.01 -12.94
N GLU A 386 -10.42 -15.10 -13.33
CA GLU A 386 -9.14 -14.95 -12.66
C GLU A 386 -9.24 -14.14 -11.37
N LEU A 387 -10.30 -13.36 -11.20
CA LEU A 387 -10.44 -12.51 -10.04
C LEU A 387 -10.60 -13.36 -8.77
N VAL A 388 -10.02 -12.87 -7.68
CA VAL A 388 -10.05 -13.56 -6.38
C VAL A 388 -11.04 -12.84 -5.47
N TRP A 389 -11.85 -13.62 -4.76
CA TRP A 389 -12.87 -13.10 -3.87
C TRP A 389 -12.54 -13.47 -2.42
N TYR A 390 -12.82 -12.56 -1.50
CA TYR A 390 -12.61 -12.84 -0.09
C TYR A 390 -13.58 -13.93 0.37
N PRO A 391 -13.14 -14.84 1.25
CA PRO A 391 -13.98 -15.98 1.63
C PRO A 391 -15.12 -15.65 2.58
N ASN A 392 -15.21 -14.42 3.06
CA ASN A 392 -16.14 -14.06 4.12
C ASN A 392 -17.59 -14.27 3.68
N PRO A 393 -18.38 -15.07 4.41
CA PRO A 393 -19.76 -15.33 3.98
C PRO A 393 -20.69 -14.15 4.17
N MET A 394 -20.28 -13.12 4.92
CA MET A 394 -21.10 -11.93 5.10
C MET A 394 -21.00 -10.98 3.93
N ILE A 395 -19.91 -11.03 3.17
CA ILE A 395 -19.53 -9.96 2.24
C ILE A 395 -19.17 -10.55 0.89
N ARG A 396 -19.54 -9.83 -0.18
CA ARG A 396 -19.05 -10.12 -1.53
C ARG A 396 -18.00 -9.06 -1.84
N GLY A 397 -16.73 -9.45 -1.78
CA GLY A 397 -15.66 -8.50 -2.02
C GLY A 397 -14.50 -9.05 -2.83
N LEU A 398 -13.95 -8.22 -3.72
CA LEU A 398 -12.81 -8.58 -4.54
C LEU A 398 -11.51 -8.19 -3.85
N LYS A 399 -10.53 -9.10 -3.88
CA LYS A 399 -9.20 -8.78 -3.38
C LYS A 399 -8.54 -7.67 -4.20
N ALA A 400 -8.82 -7.64 -5.50
CA ALA A 400 -8.24 -6.65 -6.41
C ALA A 400 -9.05 -6.65 -7.68
N LEU A 401 -9.01 -5.53 -8.40
CA LEU A 401 -9.76 -5.36 -9.64
C LEU A 401 -8.86 -4.71 -10.69
N PRO A 402 -8.00 -5.49 -11.34
CA PRO A 402 -7.12 -4.93 -12.37
C PRO A 402 -7.90 -4.54 -13.62
N ILE A 403 -7.65 -3.32 -14.10
CA ILE A 403 -8.32 -2.78 -15.28
C ILE A 403 -7.28 -2.16 -16.22
N ARG A 404 -7.76 -1.76 -17.40
CA ARG A 404 -6.92 -1.20 -18.45
C ARG A 404 -7.80 -0.30 -19.31
N TRP A 405 -7.15 0.58 -20.07
CA TRP A 405 -7.87 1.47 -20.99
C TRP A 405 -6.98 1.93 -22.12
N VAL B 14 35.99 -2.46 20.26
CA VAL B 14 34.93 -2.88 19.36
C VAL B 14 33.61 -2.23 19.74
N LEU B 15 33.31 -1.10 19.10
CA LEU B 15 32.11 -0.34 19.42
C LEU B 15 30.86 -1.06 18.90
N ASP B 16 29.94 -1.37 19.81
CA ASP B 16 28.69 -2.02 19.44
C ASP B 16 27.74 -0.96 18.90
N LEU B 17 27.43 -1.04 17.61
CA LEU B 17 26.49 -0.11 17.01
C LEU B 17 25.04 -0.45 17.30
N GLY B 18 24.78 -1.64 17.88
CA GLY B 18 23.42 -1.99 18.22
C GLY B 18 22.91 -1.31 19.47
N ALA B 19 23.81 -1.01 20.42
CA ALA B 19 23.40 -0.32 21.64
C ALA B 19 22.71 1.01 21.33
N LEU B 20 23.20 1.73 20.33
CA LEU B 20 22.55 2.94 19.87
C LEU B 20 21.36 2.59 18.99
N GLY B 21 20.28 3.35 19.15
CA GLY B 21 19.03 3.00 18.48
C GLY B 21 18.63 3.95 17.37
N GLN B 22 17.35 4.35 17.36
CA GLN B 22 16.85 5.23 16.33
C GLN B 22 17.56 6.58 16.32
N ASP B 23 18.16 6.98 17.46
CA ASP B 23 18.97 8.18 17.47
C ASP B 23 20.15 8.05 16.52
N PHE B 24 20.79 6.88 16.50
CA PHE B 24 21.88 6.63 15.56
C PHE B 24 21.35 6.46 14.14
N ALA B 25 20.18 5.83 13.99
CA ALA B 25 19.59 5.69 12.67
C ALA B 25 19.24 7.04 12.08
N ALA B 26 18.71 7.94 12.91
CA ALA B 26 18.28 9.24 12.42
C ALA B 26 19.45 10.21 12.29
N ASP B 27 20.43 10.12 13.20
CA ASP B 27 21.55 11.07 13.24
C ASP B 27 22.83 10.34 13.60
N PRO B 28 23.40 9.59 12.66
CA PRO B 28 24.67 8.90 12.94
C PRO B 28 25.88 9.82 12.98
N TYR B 29 25.75 11.04 12.49
CA TYR B 29 26.93 11.86 12.24
C TYR B 29 27.77 12.16 13.48
N PRO B 30 27.19 12.47 14.65
CA PRO B 30 28.07 12.69 15.82
C PRO B 30 28.89 11.47 16.17
N THR B 31 28.32 10.26 16.09
CA THR B 31 29.07 9.05 16.40
C THR B 31 30.26 8.89 15.46
N TYR B 32 30.03 9.06 14.16
CA TYR B 32 31.13 8.96 13.20
C TYR B 32 32.18 10.04 13.43
N ALA B 33 31.73 11.25 13.80
CA ALA B 33 32.66 12.35 14.01
C ALA B 33 33.55 12.13 15.24
N ARG B 34 33.00 11.56 16.30
CA ARG B 34 33.84 11.24 17.46
C ARG B 34 34.88 10.18 17.11
N LEU B 35 34.48 9.15 16.35
CA LEU B 35 35.46 8.19 15.86
C LEU B 35 36.54 8.87 15.04
N ARG B 36 36.14 9.76 14.13
CA ARG B 36 37.11 10.41 13.26
C ARG B 36 38.13 11.22 14.05
N ALA B 37 37.69 11.80 15.18
CA ALA B 37 38.63 12.56 16.01
C ALA B 37 39.74 11.67 16.55
N GLU B 38 39.44 10.40 16.83
CA GLU B 38 40.45 9.49 17.36
C GLU B 38 41.36 8.96 16.26
N GLY B 39 40.80 8.63 15.09
CA GLY B 39 41.58 8.10 14.01
C GLY B 39 40.71 7.70 12.83
N PRO B 40 41.34 7.16 11.78
CA PRO B 40 40.59 6.88 10.55
C PRO B 40 39.94 5.50 10.51
N ALA B 41 40.34 4.56 11.38
CA ALA B 41 39.85 3.19 11.25
C ALA B 41 39.46 2.62 12.61
N HIS B 42 38.28 2.03 12.67
CA HIS B 42 37.72 1.56 13.94
C HIS B 42 37.00 0.23 13.75
N ARG B 43 37.28 -0.73 14.64
CA ARG B 43 36.50 -1.96 14.69
C ARG B 43 35.16 -1.68 15.35
N VAL B 44 34.08 -2.20 14.74
CA VAL B 44 32.74 -2.02 15.26
C VAL B 44 31.99 -3.33 15.12
N ARG B 45 30.87 -3.42 15.81
CA ARG B 45 29.90 -4.49 15.63
C ARG B 45 28.68 -3.90 14.95
N THR B 46 28.35 -4.42 13.78
CA THR B 46 27.16 -3.96 13.08
C THR B 46 25.93 -4.13 13.99
N PRO B 47 24.91 -3.28 13.82
CA PRO B 47 23.64 -3.54 14.54
C PRO B 47 22.90 -4.73 13.95
N GLU B 48 23.64 -5.64 13.32
CA GLU B 48 23.11 -6.90 12.82
C GLU B 48 23.88 -8.12 13.30
N GLY B 49 25.11 -7.97 13.77
CA GLY B 49 25.90 -9.09 14.26
C GLY B 49 27.06 -9.47 13.37
N ASP B 50 28.05 -8.59 13.25
CA ASP B 50 29.22 -8.86 12.42
C ASP B 50 30.30 -7.84 12.75
N GLU B 51 31.52 -8.32 12.97
CA GLU B 51 32.66 -7.47 13.26
C GLU B 51 33.27 -6.95 11.96
N VAL B 52 33.34 -5.63 11.81
CA VAL B 52 33.86 -5.00 10.60
C VAL B 52 34.66 -3.77 11.00
N TRP B 53 35.36 -3.20 10.03
CA TRP B 53 36.09 -1.96 10.22
C TRP B 53 35.32 -0.82 9.56
N LEU B 54 35.30 0.34 10.22
CA LEU B 54 34.80 1.57 9.62
C LEU B 54 35.98 2.45 9.27
N VAL B 55 35.96 3.00 8.06
CA VAL B 55 36.92 4.02 7.65
C VAL B 55 36.16 5.34 7.57
N VAL B 56 36.63 6.33 8.34
CA VAL B 56 35.97 7.62 8.44
C VAL B 56 36.96 8.72 8.06
N GLY B 57 36.42 9.91 7.83
CA GLY B 57 37.24 11.03 7.37
C GLY B 57 37.35 11.02 5.86
N TYR B 58 37.18 12.19 5.24
CA TYR B 58 37.09 12.27 3.78
C TYR B 58 38.34 11.72 3.11
N ASP B 59 39.52 12.21 3.51
CA ASP B 59 40.74 11.85 2.78
C ASP B 59 40.96 10.34 2.77
N ARG B 60 40.79 9.68 3.92
CA ARG B 60 41.01 8.23 3.97
C ARG B 60 39.88 7.48 3.27
N ALA B 61 38.65 7.97 3.40
CA ALA B 61 37.52 7.35 2.71
C ALA B 61 37.74 7.35 1.21
N ARG B 62 38.11 8.50 0.66
CA ARG B 62 38.30 8.59 -0.79
C ARG B 62 39.45 7.69 -1.26
N ALA B 63 40.55 7.66 -0.52
CA ALA B 63 41.68 6.82 -0.89
C ALA B 63 41.30 5.34 -0.85
N VAL B 64 40.66 4.90 0.24
CA VAL B 64 40.34 3.48 0.40
C VAL B 64 39.37 3.02 -0.68
N LEU B 65 38.41 3.88 -1.05
CA LEU B 65 37.42 3.51 -2.07
C LEU B 65 38.12 3.07 -3.35
N ALA B 66 39.21 3.75 -3.73
CA ALA B 66 39.84 3.49 -5.01
C ALA B 66 41.10 2.65 -4.91
N ASP B 67 41.51 2.25 -3.72
CA ASP B 67 42.81 1.61 -3.52
C ASP B 67 42.75 0.14 -3.91
N PRO B 68 43.58 -0.32 -4.87
CA PRO B 68 43.53 -1.72 -5.30
C PRO B 68 43.96 -2.71 -4.23
N ARG B 69 44.52 -2.27 -3.11
CA ARG B 69 44.77 -3.19 -2.01
C ARG B 69 43.48 -3.68 -1.37
N PHE B 70 42.38 -2.99 -1.59
CA PHE B 70 41.10 -3.36 -1.00
C PHE B 70 40.30 -4.06 -2.10
N SER B 71 40.15 -5.37 -1.96
CA SER B 71 39.43 -6.16 -2.93
C SER B 71 37.92 -6.09 -2.66
N LYS B 72 37.13 -6.46 -3.66
CA LYS B 72 35.70 -6.65 -3.47
C LYS B 72 35.30 -8.10 -3.70
N ASP B 73 36.26 -8.96 -4.04
CA ASP B 73 36.02 -10.37 -4.33
C ASP B 73 35.97 -11.14 -3.01
N TRP B 74 34.84 -11.80 -2.74
CA TRP B 74 34.67 -12.49 -1.47
C TRP B 74 35.65 -13.64 -1.28
N ARG B 75 36.35 -14.07 -2.33
CA ARG B 75 37.41 -15.05 -2.15
C ARG B 75 38.53 -14.48 -1.30
N ASN B 76 38.61 -13.16 -1.19
CA ASN B 76 39.60 -12.50 -0.35
C ASN B 76 39.05 -12.12 1.02
N SER B 77 37.86 -12.58 1.36
CA SER B 77 37.27 -12.30 2.67
C SER B 77 37.42 -13.51 3.58
N THR B 78 37.87 -13.28 4.81
CA THR B 78 37.87 -14.37 5.78
C THR B 78 36.46 -14.72 6.23
N THR B 79 35.50 -13.83 6.03
CA THR B 79 34.11 -14.12 6.35
C THR B 79 33.42 -14.71 5.13
N PRO B 80 32.86 -15.91 5.21
CA PRO B 80 32.32 -16.57 4.02
C PRO B 80 30.94 -16.07 3.65
N LEU B 81 30.59 -16.30 2.39
CA LEU B 81 29.24 -16.05 1.92
C LEU B 81 28.31 -17.17 2.37
N THR B 82 27.05 -16.81 2.61
CA THR B 82 26.02 -17.82 2.78
C THR B 82 25.68 -18.45 1.42
N GLU B 83 24.88 -19.52 1.47
CA GLU B 83 24.49 -20.19 0.24
C GLU B 83 23.70 -19.25 -0.67
N ALA B 84 22.75 -18.50 -0.10
CA ALA B 84 21.94 -17.61 -0.92
C ALA B 84 22.79 -16.48 -1.49
N GLU B 85 23.77 -16.00 -0.72
CA GLU B 85 24.63 -14.92 -1.20
C GLU B 85 25.57 -15.39 -2.29
N ALA B 86 26.11 -16.62 -2.15
CA ALA B 86 27.03 -17.16 -3.13
C ALA B 86 26.39 -17.42 -4.49
N ALA B 87 25.06 -17.44 -4.56
CA ALA B 87 24.38 -17.58 -5.84
C ALA B 87 24.43 -16.31 -6.67
N LEU B 88 24.68 -15.17 -6.02
CA LEU B 88 24.55 -13.87 -6.66
C LEU B 88 25.83 -13.04 -6.66
N ASN B 89 26.92 -13.54 -6.06
CA ASN B 89 28.10 -12.72 -5.87
C ASN B 89 28.95 -12.55 -7.12
N HIS B 90 28.60 -13.19 -8.24
CA HIS B 90 29.41 -13.07 -9.46
C HIS B 90 28.96 -11.85 -10.28
N ASN B 91 29.05 -10.67 -9.66
CA ASN B 91 28.64 -9.42 -10.29
C ASN B 91 29.80 -8.43 -10.20
N MET B 92 29.70 -7.32 -10.95
CA MET B 92 30.89 -6.47 -11.07
C MET B 92 31.27 -5.86 -9.73
N LEU B 93 30.29 -5.51 -8.90
CA LEU B 93 30.59 -4.80 -7.67
C LEU B 93 31.25 -5.70 -6.66
N GLU B 94 31.08 -7.02 -6.78
CA GLU B 94 31.79 -7.97 -5.91
C GLU B 94 32.84 -8.73 -6.70
N SER B 95 33.58 -8.00 -7.55
CA SER B 95 34.61 -8.56 -8.41
C SER B 95 35.80 -7.60 -8.47
N ASP B 96 36.96 -8.16 -8.76
CA ASP B 96 38.16 -7.40 -9.06
C ASP B 96 38.50 -7.56 -10.54
N PRO B 97 39.36 -6.72 -11.10
CA PRO B 97 39.90 -7.02 -12.42
C PRO B 97 40.62 -8.36 -12.38
N PRO B 98 40.56 -9.14 -13.47
CA PRO B 98 39.96 -8.78 -14.76
C PRO B 98 38.45 -9.04 -14.87
N ARG B 99 37.87 -9.80 -13.94
CA ARG B 99 36.44 -10.08 -14.02
C ARG B 99 35.62 -8.80 -13.99
N HIS B 100 35.96 -7.87 -13.09
CA HIS B 100 35.22 -6.61 -13.05
C HIS B 100 35.26 -5.93 -14.40
N THR B 101 36.44 -5.91 -15.03
CA THR B 101 36.64 -5.20 -16.29
C THR B 101 35.71 -5.74 -17.37
N ARG B 102 35.64 -7.06 -17.49
CA ARG B 102 34.83 -7.70 -18.52
C ARG B 102 33.34 -7.47 -18.26
N LEU B 103 32.90 -7.62 -17.02
CA LEU B 103 31.48 -7.47 -16.70
C LEU B 103 31.00 -6.04 -16.89
N ARG B 104 31.78 -5.06 -16.40
CA ARG B 104 31.35 -3.68 -16.56
C ARG B 104 31.30 -3.28 -18.03
N LYS B 105 32.26 -3.75 -18.83
CA LYS B 105 32.28 -3.45 -20.26
C LYS B 105 30.98 -3.87 -20.94
N LEU B 106 30.31 -4.91 -20.43
CA LEU B 106 29.11 -5.41 -21.09
C LEU B 106 27.97 -4.40 -21.04
N VAL B 107 27.96 -3.49 -20.06
CA VAL B 107 26.82 -2.61 -19.87
C VAL B 107 27.21 -1.14 -19.78
N ALA B 108 28.52 -0.83 -19.80
CA ALA B 108 28.93 0.57 -19.65
C ALA B 108 28.32 1.44 -20.73
N ARG B 109 28.26 0.94 -21.97
CA ARG B 109 27.69 1.72 -23.06
C ARG B 109 26.25 2.10 -22.80
N GLU B 110 25.48 1.26 -22.09
CA GLU B 110 24.07 1.53 -21.85
C GLU B 110 23.82 2.70 -20.92
N PHE B 111 24.79 3.09 -20.10
CA PHE B 111 24.56 4.03 -19.03
C PHE B 111 25.34 5.32 -19.20
N THR B 112 25.88 5.57 -20.40
CA THR B 112 26.56 6.84 -20.63
C THR B 112 25.57 7.99 -20.58
N MET B 113 26.10 9.19 -20.33
CA MET B 113 25.26 10.38 -20.28
C MET B 113 24.43 10.53 -21.54
N ARG B 114 25.02 10.23 -22.70
CA ARG B 114 24.31 10.36 -23.98
C ARG B 114 23.17 9.37 -24.10
N ARG B 115 23.39 8.11 -23.73
CA ARG B 115 22.32 7.12 -23.81
C ARG B 115 21.24 7.37 -22.77
N VAL B 116 21.62 7.89 -21.60
CA VAL B 116 20.64 8.12 -20.54
C VAL B 116 19.73 9.29 -20.91
N GLU B 117 20.29 10.31 -21.57
CA GLU B 117 19.47 11.45 -21.98
C GLU B 117 18.38 11.03 -22.95
N LEU B 118 18.62 9.98 -23.73
CA LEU B 118 17.56 9.42 -24.58
C LEU B 118 16.38 8.92 -23.76
N LEU B 119 16.58 8.59 -22.48
CA LEU B 119 15.49 8.14 -21.63
C LEU B 119 14.68 9.29 -21.05
N ARG B 120 15.14 10.52 -21.20
CA ARG B 120 14.50 11.63 -20.50
C ARG B 120 13.02 11.80 -20.85
N PRO B 121 12.61 11.75 -22.12
CA PRO B 121 11.16 11.81 -22.40
C PRO B 121 10.35 10.83 -21.59
N ARG B 122 10.80 9.57 -21.51
CA ARG B 122 10.05 8.56 -20.77
C ARG B 122 10.08 8.85 -19.26
N VAL B 123 11.25 9.20 -18.73
CA VAL B 123 11.33 9.55 -17.31
C VAL B 123 10.43 10.74 -17.00
N GLN B 124 10.48 11.77 -17.84
CA GLN B 124 9.61 12.93 -17.66
C GLN B 124 8.15 12.50 -17.67
N GLU B 125 7.78 11.58 -18.57
CA GLU B 125 6.41 11.10 -18.63
C GLU B 125 6.02 10.39 -17.34
N ILE B 126 6.91 9.53 -16.82
CA ILE B 126 6.62 8.81 -15.58
C ILE B 126 6.45 9.80 -14.43
N VAL B 127 7.36 10.78 -14.34
CA VAL B 127 7.29 11.76 -13.26
C VAL B 127 6.01 12.58 -13.37
N ASP B 128 5.71 13.06 -14.58
CA ASP B 128 4.50 13.84 -14.81
C ASP B 128 3.27 13.07 -14.35
N GLY B 129 3.19 11.79 -14.72
CA GLY B 129 2.06 10.99 -14.29
C GLY B 129 1.99 10.86 -12.77
N LEU B 130 3.15 10.58 -12.15
CA LEU B 130 3.18 10.41 -10.70
C LEU B 130 2.80 11.71 -9.98
N VAL B 131 3.28 12.85 -10.48
CA VAL B 131 2.97 14.12 -9.84
C VAL B 131 1.53 14.52 -10.10
N ASP B 132 1.05 14.34 -11.35
CA ASP B 132 -0.37 14.49 -11.64
C ASP B 132 -1.21 13.75 -10.61
N ALA B 133 -0.89 12.47 -10.38
CA ALA B 133 -1.68 11.67 -9.45
C ALA B 133 -1.61 12.22 -8.03
N MET B 134 -0.42 12.60 -7.55
CA MET B 134 -0.33 13.14 -6.20
C MET B 134 -1.21 14.37 -6.02
N LEU B 135 -1.09 15.35 -6.92
CA LEU B 135 -1.87 16.56 -6.80
C LEU B 135 -3.37 16.31 -6.91
N ALA B 136 -3.76 15.14 -7.40
CA ALA B 136 -5.17 14.77 -7.47
C ALA B 136 -5.73 14.27 -6.14
N ALA B 137 -4.89 14.15 -5.11
CA ALA B 137 -5.34 13.63 -3.83
C ALA B 137 -6.41 14.54 -3.23
N PRO B 138 -7.51 13.99 -2.72
CA PRO B 138 -8.62 14.84 -2.25
C PRO B 138 -8.29 15.60 -0.99
N ASP B 139 -7.13 15.36 -0.38
CA ASP B 139 -6.81 15.87 0.94
C ASP B 139 -5.73 16.95 0.93
N GLY B 140 -4.98 17.09 -0.15
CA GLY B 140 -3.81 17.96 -0.11
C GLY B 140 -2.67 17.42 0.71
N ARG B 141 -2.65 16.11 0.96
CA ARG B 141 -1.64 15.46 1.77
C ARG B 141 -1.26 14.13 1.13
N ALA B 142 0.02 13.78 1.24
CA ALA B 142 0.52 12.54 0.64
C ALA B 142 1.84 12.16 1.30
N ASP B 143 2.19 10.90 1.15
CA ASP B 143 3.50 10.37 1.55
C ASP B 143 4.36 10.32 0.29
N LEU B 144 5.38 11.19 0.25
CA LEU B 144 6.21 11.32 -0.94
C LEU B 144 6.94 10.01 -1.24
N MET B 145 7.22 9.20 -0.22
CA MET B 145 7.79 7.88 -0.44
C MET B 145 6.88 7.02 -1.31
N GLU B 146 5.61 6.90 -0.93
CA GLU B 146 4.70 6.04 -1.67
C GLU B 146 4.24 6.67 -2.99
N SER B 147 4.20 7.98 -3.07
CA SER B 147 3.65 8.63 -4.26
C SER B 147 4.68 8.86 -5.36
N LEU B 148 5.96 9.00 -5.02
CA LEU B 148 6.95 9.38 -6.03
C LEU B 148 8.29 8.67 -5.84
N ALA B 149 8.85 8.71 -4.62
CA ALA B 149 10.22 8.26 -4.43
C ALA B 149 10.37 6.77 -4.69
N TRP B 150 9.36 5.97 -4.31
CA TRP B 150 9.41 4.54 -4.59
C TRP B 150 8.97 4.20 -6.02
N PRO B 151 7.85 4.71 -6.54
CA PRO B 151 7.42 4.25 -7.88
C PRO B 151 8.31 4.69 -9.02
N LEU B 152 8.88 5.91 -8.97
CA LEU B 152 9.67 6.40 -10.10
C LEU B 152 10.86 5.48 -10.41
N PRO B 153 11.79 5.23 -9.48
CA PRO B 153 12.98 4.43 -9.86
C PRO B 153 12.65 2.99 -10.17
N ILE B 154 11.71 2.38 -9.44
CA ILE B 154 11.39 0.99 -9.74
C ILE B 154 10.77 0.87 -11.12
N THR B 155 10.01 1.89 -11.54
CA THR B 155 9.42 1.84 -12.88
C THR B 155 10.50 2.00 -13.94
N VAL B 156 11.43 2.94 -13.75
CA VAL B 156 12.46 3.16 -14.76
C VAL B 156 13.33 1.93 -14.92
N ILE B 157 13.83 1.38 -13.82
CA ILE B 157 14.74 0.23 -13.91
C ILE B 157 13.99 -0.99 -14.41
N SER B 158 12.71 -1.14 -14.05
CA SER B 158 11.95 -2.30 -14.53
C SER B 158 11.79 -2.26 -16.04
N GLU B 159 11.53 -1.08 -16.60
CA GLU B 159 11.42 -0.99 -18.06
C GLU B 159 12.75 -1.22 -18.74
N LEU B 160 13.86 -0.85 -18.09
CA LEU B 160 15.17 -1.08 -18.72
C LEU B 160 15.53 -2.55 -18.70
N LEU B 161 15.17 -3.26 -17.64
CA LEU B 161 15.55 -4.65 -17.44
C LEU B 161 14.45 -5.62 -17.81
N GLY B 162 13.34 -5.14 -18.36
CA GLY B 162 12.28 -6.01 -18.82
C GLY B 162 11.53 -6.73 -17.73
N VAL B 163 11.36 -6.11 -16.57
CA VAL B 163 10.58 -6.71 -15.48
C VAL B 163 9.11 -6.38 -15.73
N PRO B 164 8.27 -7.37 -16.02
CA PRO B 164 6.85 -7.09 -16.30
C PRO B 164 6.17 -6.38 -15.13
N GLU B 165 5.19 -5.54 -15.47
CA GLU B 165 4.49 -4.76 -14.46
C GLU B 165 3.94 -5.59 -13.31
N PRO B 166 3.31 -6.74 -13.51
CA PRO B 166 2.77 -7.50 -12.36
C PRO B 166 3.85 -8.04 -11.43
N ASP B 167 5.12 -8.00 -11.82
CA ASP B 167 6.18 -8.56 -11.00
C ASP B 167 6.84 -7.55 -10.08
N ARG B 168 6.57 -6.26 -10.26
CA ARG B 168 7.36 -5.24 -9.58
C ARG B 168 6.97 -5.07 -8.12
N ALA B 169 5.78 -5.49 -7.72
CA ALA B 169 5.39 -5.37 -6.32
C ALA B 169 6.28 -6.22 -5.43
N ALA B 170 6.61 -7.44 -5.88
CA ALA B 170 7.46 -8.32 -5.11
C ALA B 170 8.83 -7.71 -4.81
N PHE B 171 9.24 -6.71 -5.58
CA PHE B 171 10.56 -6.11 -5.38
C PHE B 171 10.57 -5.19 -4.17
N ARG B 172 9.48 -4.44 -3.95
CA ARG B 172 9.35 -3.67 -2.72
C ARG B 172 9.48 -4.59 -1.51
N VAL B 173 8.83 -5.74 -1.54
CA VAL B 173 8.91 -6.68 -0.42
C VAL B 173 10.35 -7.16 -0.24
N TRP B 174 10.99 -7.57 -1.34
CA TRP B 174 12.35 -8.08 -1.24
C TRP B 174 13.30 -7.02 -0.73
N THR B 175 13.27 -5.82 -1.32
CA THR B 175 14.15 -4.75 -0.85
C THR B 175 13.81 -4.35 0.57
N ASP B 176 12.55 -4.42 0.96
CA ASP B 176 12.19 -4.23 2.37
C ASP B 176 12.95 -5.22 3.25
N ALA B 177 13.02 -6.49 2.82
CA ALA B 177 13.73 -7.49 3.59
C ALA B 177 15.24 -7.30 3.54
N PHE B 178 15.76 -6.67 2.46
CA PHE B 178 17.20 -6.46 2.36
C PHE B 178 17.66 -5.37 3.31
N VAL B 179 16.89 -4.30 3.46
CA VAL B 179 17.36 -3.10 4.16
C VAL B 179 16.88 -3.08 5.60
N PHE B 180 15.71 -3.65 5.87
CA PHE B 180 15.09 -3.59 7.20
C PHE B 180 14.48 -4.95 7.54
N PRO B 181 15.30 -6.00 7.62
CA PRO B 181 14.74 -7.33 7.90
C PRO B 181 14.39 -7.46 9.37
N ASP B 182 13.21 -8.01 9.65
CA ASP B 182 12.89 -8.33 11.04
C ASP B 182 13.81 -9.40 11.60
N ASP B 183 14.40 -10.21 10.74
CA ASP B 183 15.37 -11.23 11.13
C ASP B 183 16.31 -11.47 9.96
N PRO B 184 17.55 -11.88 10.23
CA PRO B 184 18.48 -12.17 9.12
C PRO B 184 18.00 -13.30 8.23
N ALA B 185 17.17 -14.22 8.74
CA ALA B 185 16.66 -15.31 7.91
C ALA B 185 15.78 -14.78 6.79
N GLN B 186 14.98 -13.75 7.06
CA GLN B 186 14.13 -13.17 6.02
C GLN B 186 14.97 -12.63 4.87
N ALA B 187 16.10 -11.98 5.18
CA ALA B 187 16.96 -11.48 4.12
C ALA B 187 17.48 -12.62 3.25
N GLN B 188 17.89 -13.72 3.88
CA GLN B 188 18.33 -14.88 3.12
C GLN B 188 17.19 -15.45 2.28
N THR B 189 15.97 -15.47 2.82
CA THR B 189 14.84 -16.02 2.08
C THR B 189 14.50 -15.14 0.88
N ALA B 190 14.45 -13.81 1.09
CA ALA B 190 14.23 -12.90 -0.03
C ALA B 190 15.31 -13.06 -1.08
N MET B 191 16.55 -13.25 -0.65
CA MET B 191 17.68 -13.44 -1.56
C MET B 191 17.46 -14.66 -2.44
N ALA B 192 17.07 -15.78 -1.83
CA ALA B 192 16.84 -17.01 -2.59
C ALA B 192 15.60 -16.90 -3.47
N GLU B 193 14.57 -16.19 -3.00
CA GLU B 193 13.36 -16.03 -3.81
C GLU B 193 13.64 -15.15 -5.01
N MET B 194 14.29 -14.01 -4.80
CA MET B 194 14.63 -13.13 -5.92
C MET B 194 15.52 -13.83 -6.93
N SER B 195 16.43 -14.67 -6.45
CA SER B 195 17.31 -15.40 -7.34
C SER B 195 16.52 -16.41 -8.18
N GLY B 196 15.54 -17.08 -7.56
CA GLY B 196 14.68 -17.96 -8.32
C GLY B 196 13.87 -17.21 -9.36
N TYR B 197 13.32 -16.06 -8.98
CA TYR B 197 12.53 -15.27 -9.94
C TYR B 197 13.39 -14.77 -11.09
N LEU B 198 14.60 -14.28 -10.79
CA LEU B 198 15.44 -13.74 -11.86
C LEU B 198 15.84 -14.85 -12.85
N SER B 199 16.07 -16.06 -12.36
CA SER B 199 16.39 -17.17 -13.26
C SER B 199 15.21 -17.49 -14.18
N ARG B 200 13.99 -17.38 -13.66
CA ARG B 200 12.81 -17.62 -14.48
C ARG B 200 12.58 -16.47 -15.44
N LEU B 201 12.83 -15.23 -14.99
CA LEU B 201 12.75 -14.09 -15.89
C LEU B 201 13.76 -14.22 -17.02
N ILE B 202 15.01 -14.55 -16.69
CA ILE B 202 16.05 -14.73 -17.70
C ILE B 202 15.60 -15.74 -18.75
N ASP B 203 15.08 -16.89 -18.30
CA ASP B 203 14.68 -17.92 -19.25
C ASP B 203 13.53 -17.45 -20.14
N SER B 204 12.62 -16.62 -19.59
CA SER B 204 11.46 -16.16 -20.35
C SER B 204 11.85 -15.24 -21.50
N LYS B 205 13.07 -14.67 -21.47
CA LYS B 205 13.54 -13.80 -22.54
C LYS B 205 14.05 -14.58 -23.74
N ARG B 206 14.43 -15.84 -23.55
CA ARG B 206 15.08 -16.60 -24.60
C ARG B 206 14.14 -16.80 -25.77
N GLY B 207 14.65 -16.53 -26.98
CA GLY B 207 13.89 -16.66 -28.20
C GLY B 207 12.83 -15.59 -28.43
N GLN B 208 12.76 -14.56 -27.60
CA GLN B 208 11.69 -13.58 -27.71
C GLN B 208 12.13 -12.26 -28.33
N ASP B 209 13.42 -12.09 -28.62
CA ASP B 209 13.91 -10.93 -29.37
C ASP B 209 13.65 -9.61 -28.65
N GLY B 210 13.58 -9.64 -27.31
CA GLY B 210 13.35 -8.41 -26.57
C GLY B 210 14.49 -7.44 -26.72
N GLU B 211 14.15 -6.15 -26.71
CA GLU B 211 15.15 -5.09 -26.85
C GLU B 211 15.64 -4.56 -25.51
N ASP B 212 15.04 -5.00 -24.41
CA ASP B 212 15.46 -4.58 -23.08
C ASP B 212 16.87 -5.08 -22.76
N LEU B 213 17.49 -4.47 -21.75
CA LEU B 213 18.89 -4.77 -21.43
C LEU B 213 19.06 -6.22 -21.01
N LEU B 214 18.12 -6.76 -20.22
CA LEU B 214 18.28 -8.14 -19.76
C LEU B 214 18.26 -9.11 -20.93
N SER B 215 17.34 -8.92 -21.87
CA SER B 215 17.28 -9.78 -23.05
C SER B 215 18.62 -9.79 -23.79
N ALA B 216 19.25 -8.61 -23.94
CA ALA B 216 20.55 -8.55 -24.60
C ALA B 216 21.60 -9.32 -23.82
N LEU B 217 21.59 -9.18 -22.49
CA LEU B 217 22.55 -9.91 -21.66
C LEU B 217 22.33 -11.41 -21.76
N VAL B 218 21.07 -11.85 -21.81
CA VAL B 218 20.80 -13.28 -21.94
C VAL B 218 21.37 -13.80 -23.25
N ARG B 219 21.14 -13.08 -24.35
CA ARG B 219 21.70 -13.46 -25.63
C ARG B 219 23.22 -13.56 -25.57
N THR B 220 23.87 -12.56 -24.96
CA THR B 220 25.32 -12.59 -24.85
C THR B 220 25.79 -13.83 -24.09
N SER B 221 25.16 -14.13 -22.96
CA SER B 221 25.55 -15.31 -22.19
C SER B 221 25.29 -16.59 -22.99
N ASP B 222 24.14 -16.68 -23.63
CA ASP B 222 23.82 -17.87 -24.41
C ASP B 222 24.78 -18.07 -25.58
N GLU B 223 25.25 -16.98 -26.18
CA GLU B 223 26.15 -17.08 -27.32
C GLU B 223 27.53 -17.58 -26.91
N ASP B 224 28.03 -17.11 -25.76
CA ASP B 224 29.42 -17.33 -25.38
C ASP B 224 29.48 -17.28 -23.85
N GLY B 225 29.45 -18.46 -23.22
CA GLY B 225 29.60 -18.51 -21.77
C GLY B 225 30.92 -17.96 -21.27
N SER B 226 31.94 -17.92 -22.12
CA SER B 226 33.20 -17.31 -21.70
C SER B 226 33.10 -15.79 -21.60
N ARG B 227 32.18 -15.19 -22.35
CA ARG B 227 31.97 -13.75 -22.21
C ARG B 227 31.07 -13.43 -21.03
N LEU B 228 30.10 -14.29 -20.74
CA LEU B 228 29.20 -14.07 -19.61
C LEU B 228 28.63 -15.41 -19.17
N THR B 229 29.05 -15.92 -18.01
CA THR B 229 28.55 -17.19 -17.54
C THR B 229 27.12 -17.09 -17.04
N SER B 230 26.47 -18.24 -16.87
CA SER B 230 25.09 -18.23 -16.38
C SER B 230 25.01 -17.63 -14.98
N GLU B 231 26.02 -17.89 -14.13
CA GLU B 231 26.04 -17.31 -12.80
C GLU B 231 26.23 -15.80 -12.85
N GLU B 232 27.07 -15.34 -13.78
CA GLU B 232 27.31 -13.90 -13.92
C GLU B 232 26.11 -13.20 -14.55
N LEU B 233 25.37 -13.90 -15.41
CA LEU B 233 24.14 -13.32 -15.95
C LEU B 233 23.15 -13.06 -14.83
N LEU B 234 23.00 -14.03 -13.93
CA LEU B 234 22.13 -13.86 -12.77
C LEU B 234 22.62 -12.72 -11.87
N GLY B 235 23.93 -12.71 -11.56
CA GLY B 235 24.46 -11.64 -10.73
C GLY B 235 24.31 -10.27 -11.36
N MET B 236 24.39 -10.19 -12.69
CA MET B 236 24.23 -8.91 -13.35
C MET B 236 22.77 -8.44 -13.28
N ALA B 237 21.82 -9.34 -13.49
CA ALA B 237 20.41 -8.96 -13.34
C ALA B 237 20.14 -8.45 -11.92
C11 4AF B 238 20.83 -8.75 -2.17
C8 4AF B 238 22.06 -8.70 -3.08
O2 4AF B 238 23.15 -8.46 -2.62
C7 4AF B 238 21.88 -9.00 -4.58
C9 4AF B 238 20.61 -9.27 -5.07
C10 4AF B 238 20.43 -9.56 -6.43
C6 4AF B 238 22.98 -8.98 -5.42
C5 4AF B 238 22.80 -9.26 -6.79
C4 4AF B 238 21.53 -9.54 -7.28
C3 4AF B 238 21.35 -9.88 -8.79
CA 4AF B 238 20.54 -8.80 -9.56
C 4AF B 238 21.14 -7.42 -9.28
O 4AF B 238 20.39 -6.55 -8.75
N 4AF B 238 20.68 -9.16 -10.94
N ILE B 239 22.42 -7.21 -9.64
CA ILE B 239 23.15 -5.96 -9.34
C ILE B 239 22.42 -4.75 -9.94
N LEU B 240 22.03 -4.86 -11.22
CA LEU B 240 21.41 -3.73 -11.89
C LEU B 240 20.04 -3.43 -11.30
N LEU B 241 19.33 -4.45 -10.83
CA LEU B 241 18.01 -4.19 -10.28
C LEU B 241 18.10 -3.62 -8.87
N VAL B 242 18.99 -4.16 -8.04
CA VAL B 242 19.06 -3.71 -6.66
C VAL B 242 19.77 -2.37 -6.55
N ALA B 243 20.94 -2.23 -7.18
CA ALA B 243 21.60 -0.93 -7.19
C ALA B 243 20.79 0.09 -7.98
N GLY B 244 20.01 -0.36 -8.96
CA GLY B 244 19.24 0.55 -9.78
C GLY B 244 17.99 1.11 -9.16
N HIS B 245 17.72 0.80 -7.89
CA HIS B 245 16.41 1.04 -7.34
C HIS B 245 16.47 1.72 -5.97
N GLU B 246 16.93 1.00 -4.93
CA GLU B 246 16.75 1.50 -3.57
C GLU B 246 17.58 2.77 -3.30
N THR B 247 18.77 2.89 -3.88
CA THR B 247 19.54 4.12 -3.67
C THR B 247 18.86 5.30 -4.33
N THR B 248 18.27 5.10 -5.51
CA THR B 248 17.60 6.21 -6.18
C THR B 248 16.35 6.63 -5.42
N VAL B 249 15.60 5.65 -4.91
CA VAL B 249 14.45 5.94 -4.05
C VAL B 249 14.87 6.89 -2.94
N ASN B 250 15.95 6.57 -2.25
CA ASN B 250 16.36 7.37 -1.11
C ASN B 250 17.04 8.67 -1.52
N LEU B 251 17.61 8.75 -2.72
CA LEU B 251 18.08 10.05 -3.19
C LEU B 251 16.91 11.02 -3.33
N ILE B 252 15.81 10.55 -3.91
CA ILE B 252 14.66 11.43 -4.16
C ILE B 252 14.04 11.87 -2.84
N ALA B 253 13.82 10.91 -1.93
CA ALA B 253 13.21 11.24 -0.64
C ALA B 253 14.14 12.06 0.24
N ASN B 254 15.40 11.62 0.38
CA ASN B 254 16.34 12.37 1.23
C ASN B 254 16.54 13.78 0.69
N GLY B 255 16.62 13.91 -0.64
CA GLY B 255 16.83 15.22 -1.22
C GLY B 255 15.66 16.14 -1.01
N MET B 256 14.43 15.63 -1.19
CA MET B 256 13.25 16.44 -0.92
C MET B 256 13.13 16.75 0.56
N TYR B 257 13.47 15.80 1.43
CA TYR B 257 13.49 16.07 2.86
C TYR B 257 14.47 17.17 3.19
N ALA B 258 15.62 17.18 2.52
CA ALA B 258 16.61 18.24 2.74
C ALA B 258 16.04 19.59 2.33
N LEU B 259 15.32 19.63 1.20
CA LEU B 259 14.72 20.89 0.75
C LEU B 259 13.60 21.32 1.69
N LEU B 260 12.71 20.38 2.03
CA LEU B 260 11.53 20.74 2.81
C LEU B 260 11.88 21.07 4.24
N SER B 261 12.98 20.52 4.77
CA SER B 261 13.43 20.87 6.11
C SER B 261 14.30 22.12 6.12
N HIS B 262 14.68 22.64 4.96
CA HIS B 262 15.40 23.91 4.85
C HIS B 262 14.64 24.80 3.88
N PRO B 263 13.50 25.36 4.31
CA PRO B 263 12.63 26.07 3.36
C PRO B 263 13.28 27.25 2.68
N ASP B 264 14.31 27.85 3.27
CA ASP B 264 15.05 28.90 2.60
C ASP B 264 15.72 28.38 1.33
N GLN B 265 16.26 27.16 1.41
CA GLN B 265 16.88 26.54 0.23
C GLN B 265 15.83 26.20 -0.81
N LEU B 266 14.67 25.68 -0.39
CA LEU B 266 13.62 25.35 -1.33
C LEU B 266 13.09 26.61 -2.02
N ALA B 267 13.03 27.72 -1.29
CA ALA B 267 12.60 28.98 -1.90
C ALA B 267 13.62 29.47 -2.92
N ALA B 268 14.91 29.35 -2.60
CA ALA B 268 15.92 29.81 -3.54
C ALA B 268 15.93 28.97 -4.82
N LEU B 269 15.60 27.68 -4.72
CA LEU B 269 15.57 26.84 -5.91
C LEU B 269 14.32 27.09 -6.72
N ARG B 270 13.17 27.26 -6.06
CA ARG B 270 11.93 27.59 -6.76
C ARG B 270 12.09 28.84 -7.60
N ALA B 271 12.74 29.88 -7.06
CA ALA B 271 12.88 31.15 -7.74
C ALA B 271 13.99 31.15 -8.78
N ASP B 272 14.79 30.09 -8.85
CA ASP B 272 15.86 30.01 -9.84
C ASP B 272 16.15 28.52 -10.09
N MET B 273 15.47 27.96 -11.08
CA MET B 273 15.64 26.54 -11.37
C MET B 273 16.97 26.23 -12.03
N THR B 274 17.77 27.24 -12.39
CA THR B 274 19.10 26.94 -12.89
C THR B 274 20.04 26.49 -11.78
N LEU B 275 19.61 26.54 -10.52
CA LEU B 275 20.36 25.97 -9.41
C LEU B 275 20.06 24.49 -9.18
N LEU B 276 19.24 23.89 -10.04
CA LEU B 276 18.79 22.51 -9.80
C LEU B 276 19.96 21.53 -9.78
N ASP B 277 20.87 21.65 -10.76
CA ASP B 277 21.99 20.71 -10.85
C ASP B 277 22.84 20.74 -9.59
N GLY B 278 23.18 21.94 -9.12
CA GLY B 278 23.95 22.06 -7.88
C GLY B 278 23.19 21.56 -6.67
N ALA B 279 21.86 21.73 -6.66
CA ALA B 279 21.07 21.31 -5.53
C ALA B 279 21.03 19.78 -5.43
N VAL B 280 20.92 19.09 -6.56
CA VAL B 280 20.94 17.63 -6.53
C VAL B 280 22.31 17.13 -6.07
N GLU B 281 23.38 17.81 -6.48
CA GLU B 281 24.70 17.45 -5.99
C GLU B 281 24.81 17.67 -4.48
N GLU B 282 24.17 18.71 -3.96
CA GLU B 282 24.23 18.94 -2.52
C GLU B 282 23.33 17.98 -1.76
N MET B 283 22.27 17.49 -2.39
CA MET B 283 21.51 16.42 -1.77
C MET B 283 22.35 15.17 -1.64
N LEU B 284 23.12 14.85 -2.68
CA LEU B 284 24.04 13.72 -2.63
C LEU B 284 25.05 13.90 -1.51
N ARG B 285 25.62 15.11 -1.39
CA ARG B 285 26.60 15.40 -0.36
C ARG B 285 25.98 15.35 1.02
N TYR B 286 24.85 16.03 1.21
CA TYR B 286 24.33 16.31 2.54
C TYR B 286 23.66 15.08 3.15
N GLU B 287 22.79 14.41 2.38
CA GLU B 287 22.04 13.28 2.88
C GLU B 287 21.96 12.19 1.80
N GLY B 288 23.12 11.77 1.32
CA GLY B 288 23.18 10.74 0.30
C GLY B 288 22.61 9.42 0.77
N PRO B 289 22.07 8.64 -0.17
CA PRO B 289 21.43 7.38 0.22
C PRO B 289 22.40 6.31 0.71
N VAL B 290 23.68 6.36 0.34
CA VAL B 290 24.64 5.37 0.78
C VAL B 290 25.37 5.92 2.00
N GLU B 291 25.13 5.29 3.16
CA GLU B 291 25.79 5.70 4.40
C GLU B 291 27.20 5.13 4.47
N SER B 292 27.36 3.85 4.16
CA SER B 292 28.66 3.19 4.05
C SER B 292 28.73 2.42 2.75
N ALA B 293 29.91 2.45 2.11
CA ALA B 293 30.11 1.76 0.84
C ALA B 293 30.03 0.24 1.05
N THR B 294 29.99 -0.50 -0.06
CA THR B 294 29.86 -1.94 0.05
C THR B 294 31.20 -2.56 0.46
N TYR B 295 31.15 -3.84 0.83
CA TYR B 295 32.24 -4.45 1.60
C TYR B 295 33.55 -4.47 0.83
N ARG B 296 34.63 -4.12 1.52
CA ARG B 296 35.99 -4.23 0.99
C ARG B 296 36.82 -5.16 1.87
N PHE B 297 37.76 -5.86 1.25
CA PHE B 297 38.63 -6.81 1.98
C PHE B 297 40.06 -6.57 1.55
N PRO B 298 40.95 -6.07 2.44
CA PRO B 298 42.34 -5.84 2.01
C PRO B 298 43.00 -7.16 1.62
N VAL B 299 43.79 -7.10 0.54
CA VAL B 299 44.58 -8.25 0.13
C VAL B 299 45.96 -8.22 0.78
N GLU B 300 46.24 -7.18 1.54
CA GLU B 300 47.47 -7.04 2.31
C GLU B 300 47.17 -6.09 3.46
N PRO B 301 47.95 -6.16 4.55
CA PRO B 301 47.70 -5.22 5.65
C PRO B 301 47.85 -3.80 5.16
N VAL B 302 46.98 -2.92 5.65
CA VAL B 302 46.99 -1.51 5.27
C VAL B 302 47.11 -0.67 6.54
N ASP B 303 48.19 0.11 6.62
CA ASP B 303 48.42 1.02 7.73
C ASP B 303 47.71 2.33 7.44
N LEU B 304 46.74 2.68 8.26
CA LEU B 304 45.99 3.93 8.13
C LEU B 304 46.34 4.80 9.34
N ASP B 305 47.40 5.61 9.18
CA ASP B 305 47.83 6.56 10.22
C ASP B 305 48.04 5.88 11.57
N GLY B 306 48.67 4.71 11.56
CA GLY B 306 48.97 3.96 12.76
C GLY B 306 48.07 2.76 13.01
N THR B 307 46.83 2.79 12.51
CA THR B 307 45.92 1.66 12.66
C THR B 307 46.07 0.73 11.46
N VAL B 308 46.41 -0.54 11.72
CA VAL B 308 46.70 -1.50 10.66
C VAL B 308 45.52 -2.45 10.54
N ILE B 309 44.91 -2.50 9.37
CA ILE B 309 43.84 -3.43 9.06
C ILE B 309 44.45 -4.66 8.40
N PRO B 310 44.33 -5.85 8.99
CA PRO B 310 44.93 -7.03 8.38
C PRO B 310 44.16 -7.47 7.15
N ALA B 311 44.86 -8.17 6.26
CA ALA B 311 44.23 -8.71 5.07
C ALA B 311 43.07 -9.62 5.44
N GLY B 312 42.00 -9.57 4.63
CA GLY B 312 40.86 -10.44 4.83
C GLY B 312 39.74 -9.90 5.69
N ASP B 313 40.01 -8.90 6.53
CA ASP B 313 38.94 -8.32 7.34
C ASP B 313 37.98 -7.55 6.44
N THR B 314 36.78 -7.26 6.97
CA THR B 314 35.75 -6.54 6.23
C THR B 314 35.81 -5.04 6.55
N VAL B 315 35.85 -4.21 5.51
CA VAL B 315 36.07 -2.78 5.66
C VAL B 315 34.89 -2.02 5.04
N LEU B 316 34.29 -1.13 5.83
CA LEU B 316 33.19 -0.27 5.37
C LEU B 316 33.67 1.18 5.31
N VAL B 317 33.62 1.78 4.13
CA VAL B 317 33.96 3.18 3.97
C VAL B 317 32.72 4.03 4.28
N VAL B 318 32.80 4.87 5.31
CA VAL B 318 31.63 5.61 5.79
C VAL B 318 31.53 6.91 4.99
N LEU B 319 30.83 6.84 3.86
CA LEU B 319 30.66 8.02 3.02
C LEU B 319 29.97 9.14 3.78
N ALA B 320 29.04 8.81 4.67
CA ALA B 320 28.32 9.84 5.38
C ALA B 320 29.27 10.73 6.18
N ASP B 321 30.32 10.13 6.77
CA ASP B 321 31.28 10.93 7.52
C ASP B 321 32.26 11.66 6.62
N ALA B 322 32.64 11.05 5.49
CA ALA B 322 33.46 11.77 4.53
C ALA B 322 32.82 13.10 4.16
N HIS B 323 31.50 13.10 4.00
CA HIS B 323 30.76 14.27 3.55
C HIS B 323 30.54 15.29 4.65
N ARG B 324 30.85 14.97 5.91
CA ARG B 324 30.79 15.93 7.01
C ARG B 324 32.17 16.36 7.47
N THR B 325 33.22 16.09 6.70
CA THR B 325 34.57 16.49 7.09
C THR B 325 34.76 17.96 6.77
N PRO B 326 34.97 18.81 7.78
CA PRO B 326 34.98 20.27 7.51
C PRO B 326 36.15 20.71 6.65
N GLU B 327 37.29 20.02 6.72
CA GLU B 327 38.42 20.39 5.89
C GLU B 327 38.09 20.30 4.41
N ARG B 328 37.16 19.41 4.03
CA ARG B 328 36.76 19.27 2.65
C ARG B 328 35.49 20.04 2.33
N PHE B 329 34.50 20.02 3.23
CA PHE B 329 33.22 20.71 3.04
C PHE B 329 32.99 21.67 4.20
N PRO B 330 33.40 22.92 4.07
CA PRO B 330 33.23 23.89 5.17
C PRO B 330 31.76 24.06 5.55
N ASP B 331 31.53 24.30 6.84
CA ASP B 331 30.20 24.25 7.44
C ASP B 331 29.47 22.98 6.97
N PRO B 332 30.00 21.80 7.30
CA PRO B 332 29.49 20.56 6.69
C PRO B 332 28.05 20.24 7.01
N HIS B 333 27.54 20.68 8.16
CA HIS B 333 26.17 20.37 8.54
C HIS B 333 25.16 21.32 7.92
N ARG B 334 25.63 22.33 7.20
CA ARG B 334 24.74 23.23 6.47
C ARG B 334 24.35 22.60 5.14
N PHE B 335 23.05 22.56 4.86
CA PHE B 335 22.55 22.22 3.53
C PHE B 335 22.54 23.48 2.69
N ASP B 336 23.41 23.55 1.69
CA ASP B 336 23.61 24.76 0.89
C ASP B 336 23.67 24.35 -0.57
N ILE B 337 22.57 24.57 -1.29
CA ILE B 337 22.47 24.12 -2.69
C ILE B 337 23.45 24.83 -3.61
N ARG B 338 24.11 25.88 -3.13
CA ARG B 338 25.09 26.62 -3.92
C ARG B 338 26.53 26.29 -3.56
N ARG B 339 26.75 25.37 -2.62
CA ARG B 339 28.11 25.08 -2.16
C ARG B 339 28.90 24.35 -3.23
N ASP B 340 30.22 24.40 -3.08
CA ASP B 340 31.13 23.59 -3.87
C ASP B 340 31.05 22.14 -3.41
N THR B 341 30.49 21.27 -4.25
CA THR B 341 30.34 19.86 -3.94
C THR B 341 31.38 18.98 -4.64
N ALA B 342 32.40 19.58 -5.24
CA ALA B 342 33.36 18.82 -6.01
C ALA B 342 34.02 17.74 -5.17
N GLY B 343 34.13 16.55 -5.74
CA GLY B 343 34.81 15.45 -5.07
C GLY B 343 33.98 14.71 -4.06
N HIS B 344 32.67 14.93 -4.01
CA HIS B 344 31.87 14.13 -3.10
C HIS B 344 31.94 12.67 -3.53
N LEU B 345 31.70 11.77 -2.57
CA LEU B 345 31.84 10.33 -2.77
C LEU B 345 30.51 9.60 -2.79
N ALA B 346 29.41 10.32 -3.04
CA ALA B 346 28.10 9.69 -2.96
C ALA B 346 27.94 8.56 -3.98
N PHE B 347 28.65 8.63 -5.10
CA PHE B 347 28.65 7.58 -6.10
C PHE B 347 29.89 6.71 -6.02
N GLY B 348 30.69 6.84 -4.96
CA GLY B 348 31.92 6.08 -4.85
C GLY B 348 33.07 6.78 -5.54
N HIS B 349 34.14 6.01 -5.78
CA HIS B 349 35.37 6.52 -6.38
C HIS B 349 36.24 5.34 -6.77
N GLY B 350 36.82 5.40 -7.96
CA GLY B 350 37.68 4.32 -8.44
C GLY B 350 37.00 3.47 -9.49
N ILE B 351 37.52 2.25 -9.65
CA ILE B 351 36.97 1.39 -10.71
C ILE B 351 35.53 0.97 -10.45
N HIS B 352 35.02 1.12 -9.23
CA HIS B 352 33.66 0.72 -8.92
C HIS B 352 32.68 1.90 -8.89
N PHE B 353 33.12 3.09 -9.31
CA PHE B 353 32.27 4.26 -9.36
C PHE B 353 30.96 3.96 -10.07
N CYS B 354 29.86 4.40 -9.47
CA CYS B 354 28.51 4.08 -9.93
C CYS B 354 28.35 4.26 -11.43
N ILE B 355 28.03 3.16 -12.10
CA ILE B 355 27.72 3.17 -13.52
C ILE B 355 26.39 3.88 -13.80
N GLY B 356 25.50 3.97 -12.81
CA GLY B 356 24.20 4.56 -12.97
C GLY B 356 24.11 6.03 -12.64
N ALA B 357 25.22 6.68 -12.33
CA ALA B 357 25.17 8.06 -11.87
C ALA B 357 24.43 9.00 -12.82
N PRO B 358 24.62 8.95 -14.14
CA PRO B 358 23.84 9.86 -15.00
C PRO B 358 22.35 9.59 -14.92
N LEU B 359 21.96 8.32 -14.75
CA LEU B 359 20.54 7.99 -14.67
C LEU B 359 19.97 8.43 -13.32
N ALA B 360 20.73 8.22 -12.24
CA ALA B 360 20.32 8.69 -10.93
C ALA B 360 20.12 10.21 -10.94
N ARG B 361 21.05 10.93 -11.53
CA ARG B 361 20.95 12.39 -11.58
C ARG B 361 19.74 12.82 -12.39
N LEU B 362 19.48 12.13 -13.50
CA LEU B 362 18.34 12.48 -14.36
C LEU B 362 17.03 12.28 -13.61
N GLU B 363 16.86 11.12 -12.96
CA GLU B 363 15.61 10.87 -12.23
C GLU B 363 15.41 11.87 -11.11
N ALA B 364 16.49 12.21 -10.39
CA ALA B 364 16.35 13.12 -9.26
C ALA B 364 16.02 14.53 -9.73
N ARG B 365 16.70 15.01 -10.78
CA ARG B 365 16.46 16.36 -11.26
C ARG B 365 15.03 16.53 -11.76
N ILE B 366 14.55 15.57 -12.53
CA ILE B 366 13.21 15.67 -13.09
C ILE B 366 12.16 15.66 -11.98
N ALA B 367 12.33 14.76 -11.00
CA ALA B 367 11.37 14.66 -9.91
C ALA B 367 11.37 15.93 -9.06
N VAL B 368 12.54 16.44 -8.71
CA VAL B 368 12.61 17.63 -7.86
C VAL B 368 11.98 18.82 -8.58
N ARG B 369 12.35 19.04 -9.84
CA ARG B 369 11.80 20.13 -10.63
C ARG B 369 10.28 20.05 -10.69
N ALA B 370 9.74 18.87 -10.99
CA ALA B 370 8.29 18.72 -11.09
C ALA B 370 7.59 19.09 -9.80
N LEU B 371 8.13 18.66 -8.65
CA LEU B 371 7.48 18.95 -7.38
C LEU B 371 7.48 20.44 -7.08
N LEU B 372 8.58 21.12 -7.38
CA LEU B 372 8.69 22.53 -7.02
C LEU B 372 7.91 23.41 -7.98
N GLU B 373 7.74 23.01 -9.23
CA GLU B 373 7.06 23.84 -10.20
C GLU B 373 5.55 23.63 -10.19
N ARG B 374 5.07 22.52 -9.64
CA ARG B 374 3.65 22.18 -9.68
C ARG B 374 3.00 22.04 -8.32
N CYS B 375 3.76 21.86 -7.24
CA CYS B 375 3.16 21.85 -5.92
C CYS B 375 3.36 23.21 -5.27
N PRO B 376 2.34 24.06 -5.21
CA PRO B 376 2.50 25.35 -4.54
C PRO B 376 2.45 25.17 -3.02
N ASP B 377 3.36 25.87 -2.34
CA ASP B 377 3.48 25.79 -0.89
C ASP B 377 3.69 24.34 -0.42
N LEU B 378 4.63 23.66 -1.08
CA LEU B 378 5.02 22.34 -0.63
C LEU B 378 5.76 22.42 0.70
N ALA B 379 5.41 21.54 1.63
CA ALA B 379 6.03 21.55 2.95
C ALA B 379 5.86 20.18 3.59
N LEU B 380 6.70 19.90 4.58
CA LEU B 380 6.53 18.71 5.40
C LEU B 380 5.18 18.74 6.13
N ASP B 381 4.63 17.55 6.36
CA ASP B 381 3.39 17.43 7.12
C ASP B 381 3.65 17.08 8.58
N VAL B 382 4.88 16.70 8.93
CA VAL B 382 5.32 16.50 10.30
C VAL B 382 6.61 17.28 10.50
N SER B 383 7.08 17.33 11.75
CA SER B 383 8.35 18.00 11.99
C SER B 383 9.50 17.09 11.58
N PRO B 384 10.64 17.67 11.19
CA PRO B 384 11.79 16.82 10.81
C PRO B 384 12.20 15.83 11.89
N GLY B 385 12.22 16.28 13.14
CA GLY B 385 12.50 15.37 14.25
C GLY B 385 11.47 14.28 14.45
N GLU B 386 10.33 14.33 13.74
CA GLU B 386 9.33 13.29 13.82
C GLU B 386 9.52 12.19 12.78
N LEU B 387 10.26 12.45 11.72
CA LEU B 387 10.53 11.43 10.71
C LEU B 387 11.34 10.29 11.31
N VAL B 388 11.11 9.09 10.81
CA VAL B 388 11.80 7.90 11.29
C VAL B 388 12.70 7.38 10.16
N TRP B 389 13.94 7.04 10.51
CA TRP B 389 14.93 6.54 9.57
C TRP B 389 15.15 5.06 9.79
N TYR B 390 15.39 4.33 8.71
CA TYR B 390 15.70 2.92 8.83
C TYR B 390 17.04 2.72 9.53
N PRO B 391 17.17 1.73 10.40
CA PRO B 391 18.39 1.61 11.20
C PRO B 391 19.49 0.84 10.52
N ASN B 392 19.61 1.00 9.21
CA ASN B 392 20.61 0.28 8.43
C ASN B 392 21.86 1.13 8.31
N PRO B 393 23.05 0.65 8.71
CA PRO B 393 24.25 1.49 8.63
C PRO B 393 24.79 1.63 7.22
N MET B 394 24.27 0.86 6.26
CA MET B 394 24.72 0.98 4.89
C MET B 394 23.97 2.07 4.14
N ILE B 395 22.72 2.33 4.52
CA ILE B 395 21.87 3.24 3.75
C ILE B 395 21.27 4.28 4.68
N ARG B 396 20.98 5.44 4.11
CA ARG B 396 20.21 6.49 4.78
C ARG B 396 18.87 6.57 4.06
N GLY B 397 17.80 6.17 4.74
CA GLY B 397 16.49 6.12 4.11
C GLY B 397 15.37 6.39 5.08
N LEU B 398 14.33 7.06 4.63
CA LEU B 398 13.17 7.38 5.45
C LEU B 398 12.09 6.31 5.30
N LYS B 399 11.43 5.98 6.41
CA LYS B 399 10.29 5.07 6.33
C LYS B 399 9.10 5.72 5.64
N ALA B 400 8.97 7.05 5.75
CA ALA B 400 7.90 7.79 5.12
C ALA B 400 8.29 9.26 5.10
N LEU B 401 7.63 10.02 4.24
CA LEU B 401 7.91 11.44 4.07
C LEU B 401 6.59 12.15 3.91
N PRO B 402 5.87 12.39 5.01
CA PRO B 402 4.58 13.10 4.93
C PRO B 402 4.78 14.52 4.44
N ILE B 403 4.00 14.90 3.42
CA ILE B 403 4.04 16.25 2.87
C ILE B 403 2.62 16.76 2.70
N ARG B 404 2.52 18.05 2.36
CA ARG B 404 1.25 18.73 2.14
C ARG B 404 1.50 19.89 1.19
N TRP B 405 0.43 20.41 0.61
CA TRP B 405 0.54 21.56 -0.31
C TRP B 405 -0.72 22.41 -0.33
CHA HEM C . -27.83 -0.94 7.58
CHB HEM C . -25.09 3.01 7.34
CHC HEM C . -23.96 1.96 2.79
CHD HEM C . -26.26 -2.23 3.25
C1A HEM C . -27.16 0.21 7.93
C2A HEM C . -27.24 0.86 9.24
C3A HEM C . -26.47 1.97 9.18
C4A HEM C . -25.92 2.01 7.82
CMA HEM C . -26.20 2.98 10.25
CAA HEM C . -28.01 0.38 10.41
CBA HEM C . -29.43 0.97 10.35
CGA HEM C . -30.41 0.49 11.40
O1A HEM C . -31.52 1.05 11.49
O2A HEM C . -30.09 -0.53 12.06
C1B HEM C . -24.56 3.11 6.09
C2B HEM C . -23.70 4.18 5.65
C3B HEM C . -23.39 3.87 4.36
C4B HEM C . -24.05 2.64 4.02
CMB HEM C . -23.30 5.38 6.49
CAB HEM C . -22.55 4.58 3.37
CBB HEM C . -22.96 5.02 2.19
C1C HEM C . -24.43 0.69 2.48
C2C HEM C . -24.19 -0.08 1.25
C3C HEM C . -24.84 -1.25 1.43
C4C HEM C . -25.48 -1.21 2.73
CMC HEM C . -23.38 0.34 0.04
CAC HEM C . -24.96 -2.40 0.52
CBC HEM C . -25.42 -2.34 -0.73
C1D HEM C . -26.92 -2.27 4.47
C2D HEM C . -27.75 -3.37 4.95
C3D HEM C . -28.19 -3.01 6.20
C4D HEM C . -27.65 -1.67 6.43
CMD HEM C . -28.02 -4.65 4.21
CAD HEM C . -29.11 -3.76 7.12
CBD HEM C . -28.38 -4.96 7.81
CGD HEM C . -29.32 -5.95 8.37
O1D HEM C . -30.55 -5.67 8.40
O2D HEM C . -28.81 -6.91 9.04
NA HEM C . -26.36 0.94 7.10
NB HEM C . -24.75 2.20 5.09
NC HEM C . -25.19 -0.04 3.32
ND HEM C . -26.89 -1.25 5.38
FE HEM C . -25.90 0.48 5.17
C1 NRB D . -24.56 -3.19 7.41
C2 NRB D . -23.95 -4.30 6.54
C3 NRB D . -22.47 -4.47 6.91
O1 NRB D . -22.30 -4.68 8.29
C4 NRB D . -21.58 -3.88 9.06
O2 NRB D . -20.76 -3.12 8.56
C5 NRB D . -21.81 -3.86 10.53
C6 NRB D . -22.05 -2.44 10.90
C7 NRB D . -20.68 -4.40 11.34
O3 NRB D . -19.73 -3.58 11.50
C8 NRB D . -20.58 -5.74 11.95
C9 NRB D . -21.83 -6.50 11.58
C10 NRB D . -19.26 -6.54 11.69
O4 NRB D . -19.55 -7.93 11.81
C11 NRB D . -18.72 -8.73 12.63
O5 NRB D . -17.65 -7.96 13.11
C12 NRB D . -16.73 -8.88 13.70
C13 NRB D . -15.36 -8.25 13.91
C14 NRB D . -17.34 -9.40 15.01
C15 NRB D . -18.53 -10.25 14.56
N1 NRB D . -19.03 -11.18 15.68
C16 NRB D . -19.66 -12.37 15.09
C17 NRB D . -20.05 -10.55 16.56
C18 NRB D . -19.55 -9.34 13.76
O6 NRB D . -20.09 -8.31 14.56
C19 NRB D . -18.47 -6.27 10.35
C20 NRB D . -17.16 -5.58 10.74
C21 NRB D . -18.26 -7.52 9.51
C22 NRB D . -17.50 -7.49 8.20
C23 NRB D . -17.36 -8.88 7.52
C24 NRB D . -18.22 -6.54 7.30
O7 NRB D . -17.55 -5.64 6.78
C25 NRB D . -19.69 -6.63 7.04
C26 NRB D . -20.40 -5.65 6.47
C27 NRB D . -21.88 -5.69 6.18
C28 NRB D . -22.54 -6.96 6.68
S SO4 E . -43.29 -6.30 2.08
O1 SO4 E . -43.76 -7.55 1.47
O2 SO4 E . -42.74 -5.45 1.04
O3 SO4 E . -44.40 -5.61 2.74
O4 SO4 E . -42.27 -6.61 3.08
S SO4 F . -29.31 13.82 32.55
O1 SO4 F . -28.59 12.61 32.11
O2 SO4 F . -28.46 14.99 32.36
O3 SO4 F . -30.53 13.97 31.74
O4 SO4 F . -29.67 13.70 33.95
S SO4 G . -14.18 -16.39 -17.39
O1 SO4 G . -14.38 -17.82 -17.64
O2 SO4 G . -12.76 -16.10 -17.26
O3 SO4 G . -14.74 -15.61 -18.49
O4 SO4 G . -14.86 -16.03 -16.15
S SO4 H . -32.55 -22.07 -9.27
O1 SO4 H . -32.90 -23.34 -9.91
O2 SO4 H . -32.07 -21.12 -10.27
O3 SO4 H . -33.72 -21.52 -8.59
O4 SO4 H . -31.49 -22.32 -8.28
S SO4 I . -26.18 11.74 -11.66
O1 SO4 I . -26.49 11.09 -12.94
O2 SO4 I . -24.76 11.59 -11.35
O3 SO4 I . -26.52 13.16 -11.76
O4 SO4 I . -26.98 11.12 -10.60
S SO4 J . -33.05 20.43 5.97
O1 SO4 J . -32.22 19.70 6.93
O2 SO4 J . -32.98 19.79 4.66
O3 SO4 J . -34.44 20.43 6.42
O4 SO4 J . -32.58 21.82 5.88
S SO4 K . -30.85 -0.36 27.03
O1 SO4 K . -29.93 -1.31 26.40
O2 SO4 K . -30.21 0.95 27.10
O3 SO4 K . -31.17 -0.81 28.39
O4 SO4 K . -32.07 -0.28 26.24
C TRS L . -39.00 -18.36 -1.81
C1 TRS L . -38.43 -17.84 -0.50
C2 TRS L . -37.95 -19.21 -2.52
C3 TRS L . -39.40 -17.22 -2.73
N TRS L . -40.20 -19.16 -1.53
O1 TRS L . -39.40 -17.76 0.51
O2 TRS L . -37.93 -20.50 -1.98
O3 TRS L . -38.30 -16.37 -2.90
C1 PEG M . -36.47 5.36 24.79
O1 PEG M . -37.14 6.39 24.09
C2 PEG M . -35.53 4.62 23.90
O2 PEG M . -34.56 3.94 24.68
C3 PEG M . -35.15 3.12 25.69
C4 PEG M . -34.28 1.92 25.89
O4 PEG M . -32.92 2.28 26.11
CHA HEM N . 28.03 1.32 -7.76
CHB HEM N . 24.26 0.82 -10.71
CHC HEM N . 22.22 4.68 -8.70
CHD HEM N . 25.73 4.81 -5.43
C1A HEM N . 27.20 0.82 -8.71
C2A HEM N . 27.45 -0.35 -9.55
C3A HEM N . 26.40 -0.49 -10.38
C4A HEM N . 25.48 0.60 -10.07
CMA HEM N . 26.17 -1.56 -11.42
CAA HEM N . 28.64 -1.25 -9.47
CBA HEM N . 29.72 -0.70 -10.43
CGA HEM N . 31.07 -1.39 -10.45
O1A HEM N . 31.88 -1.10 -11.36
O2A HEM N . 31.31 -2.23 -9.54
C1B HEM N . 23.37 1.82 -10.47
C2B HEM N . 22.13 2.04 -11.18
C3B HEM N . 21.56 3.14 -10.60
C4B HEM N . 22.45 3.57 -9.55
CMB HEM N . 21.63 1.17 -12.32
CAB HEM N . 20.29 3.86 -10.86
CBB HEM N . 19.31 3.56 -11.67
C1C HEM N . 22.94 5.05 -7.57
C2C HEM N . 22.59 6.09 -6.60
C3C HEM N . 23.60 6.10 -5.70
C4C HEM N . 24.56 5.10 -6.10
CMC HEM N . 21.37 6.98 -6.57
CAC HEM N . 23.75 6.95 -4.51
CBC HEM N . 24.02 8.25 -4.52
C1D HEM N . 26.71 3.88 -5.77
C2D HEM N . 27.94 3.64 -5.01
C3D HEM N . 28.60 2.63 -5.68
C4D HEM N . 27.76 2.30 -6.82
CMD HEM N . 28.38 4.36 -3.77
CAD HEM N . 29.94 2.02 -5.37
CBD HEM N . 29.90 1.17 -4.05
CGD HEM N . 31.24 0.86 -3.50
O1D HEM N . 32.27 1.21 -4.13
O2D HEM N . 31.26 -0.04 -2.59
NA HEM N . 25.98 1.37 -9.06
NB HEM N . 23.53 2.77 -9.50
NC HEM N . 24.13 4.49 -7.22
ND HEM N . 26.63 3.06 -6.86
FE HEM N . 25.14 3.00 -8.21
C1 NRB O . 25.67 0.35 -4.69
C2 NRB O . 25.18 0.92 -3.39
C3 NRB O . 24.09 0.01 -2.83
O1 NRB O . 24.50 -1.35 -2.76
C4 NRB O . 23.77 -2.33 -3.28
O2 NRB O . 22.58 -2.17 -3.49
C5 NRB O . 24.41 -3.62 -3.66
C6 NRB O . 24.22 -3.77 -5.13
C7 NRB O . 23.87 -4.82 -2.97
O3 NRB O . 22.87 -5.35 -3.53
C8 NRB O . 24.40 -5.43 -1.74
C9 NRB O . 25.55 -4.57 -1.29
C10 NRB O . 23.39 -5.76 -0.59
O4 NRB O . 24.12 -5.89 0.62
C11 NRB O . 23.85 -6.96 1.51
O5 NRB O . 22.80 -7.74 0.98
C12 NRB O . 22.40 -8.60 2.05
C13 NRB O . 21.09 -9.30 1.72
C14 NRB O . 23.51 -9.63 2.32
C15 NRB O . 24.76 -8.87 2.79
N1 NRB O . 25.84 -9.87 3.11
C16 NRB O . 27.17 -9.20 3.16
C17 NRB O . 25.60 -10.40 4.49
C18 NRB O . 25.11 -7.75 1.77
O6 NRB O . 25.63 -8.34 0.58
C19 NRB O . 22.18 -4.76 -0.36
C20 NRB O . 20.88 -5.55 -0.51
C21 NRB O . 22.24 -3.99 0.97
C22 NRB O . 21.17 -2.98 1.34
C23 NRB O . 21.34 -2.30 2.71
C24 NRB O . 21.18 -1.94 0.27
O7 NRB O . 20.13 -1.72 -0.35
C25 NRB O . 22.42 -1.20 -0.08
C26 NRB O . 22.47 -0.28 -1.04
C27 NRB O . 23.70 0.47 -1.42
C28 NRB O . 24.85 0.23 -0.45
S SO4 P . 42.25 10.95 -6.14
O1 SO4 P . 42.05 9.50 -6.06
O2 SO4 P . 43.62 11.21 -6.59
O3 SO4 P . 41.30 11.54 -7.09
O4 SO4 P . 42.02 11.56 -4.83
S SO4 Q . 40.54 13.01 6.74
O1 SO4 Q . 40.69 11.61 6.33
O2 SO4 Q . 41.83 13.52 7.23
O3 SO4 Q . 40.11 13.84 5.62
O4 SO4 Q . 39.55 13.10 7.80
S SO4 R . 25.78 5.76 -29.33
O1 SO4 R . 25.34 5.80 -30.73
O2 SO4 R . 26.28 4.42 -29.01
O3 SO4 R . 24.63 6.05 -28.47
O4 SO4 R . 26.83 6.75 -29.12
C1 EDO S . 29.53 10.77 -21.73
O1 EDO S . 28.50 10.36 -22.63
C2 EDO S . 29.90 9.61 -20.81
O2 EDO S . 29.05 9.59 -19.65
S SO4 T . 34.09 17.83 13.32
O1 SO4 T . 33.74 16.45 13.66
O2 SO4 T . 35.30 17.84 12.52
O3 SO4 T . 32.99 18.45 12.57
O4 SO4 T . 34.32 18.59 14.55
C1 EDO U . 23.09 -21.10 4.46
O1 EDO U . 22.55 -22.19 3.68
C2 EDO U . 24.61 -21.16 4.41
O2 EDO U . 25.13 -20.18 5.33
C1 PEG V . 38.64 -12.04 -18.59
O1 PEG V . 38.98 -11.01 -19.51
C2 PEG V . 38.02 -11.47 -17.35
O2 PEG V . 37.27 -12.47 -16.68
C3 PEG V . 38.07 -13.39 -15.98
C4 PEG V . 37.34 -13.87 -14.76
O4 PEG V . 37.28 -15.29 -14.72
#